data_1EFO
# 
_entry.id   1EFO 
# 
_audit_conform.dict_name       mmcif_pdbx.dic 
_audit_conform.dict_version    5.385 
_audit_conform.dict_location   http://mmcif.pdb.org/dictionaries/ascii/mmcif_pdbx.dic 
# 
loop_
_database_2.database_id 
_database_2.database_code 
_database_2.pdbx_database_accession 
_database_2.pdbx_DOI 
PDB   1EFO         pdb_00001efo 10.2210/pdb1efo/pdb 
NDB   AH0010       ?            ?                   
RCSB  RCSB010531   ?            ?                   
WWPDB D_1000010531 ?            ?                   
# 
loop_
_pdbx_audit_revision_history.ordinal 
_pdbx_audit_revision_history.data_content_type 
_pdbx_audit_revision_history.major_revision 
_pdbx_audit_revision_history.minor_revision 
_pdbx_audit_revision_history.revision_date 
1 'Structure model' 1 0 2000-05-29 
2 'Structure model' 1 1 2008-04-27 
3 'Structure model' 1 2 2011-07-13 
4 'Structure model' 1 3 2017-10-04 
5 'Structure model' 1 4 2024-02-07 
# 
_pdbx_audit_revision_details.ordinal             1 
_pdbx_audit_revision_details.revision_ordinal    1 
_pdbx_audit_revision_details.data_content_type   'Structure model' 
_pdbx_audit_revision_details.provider            repository 
_pdbx_audit_revision_details.type                'Initial release' 
_pdbx_audit_revision_details.description         ? 
_pdbx_audit_revision_details.details             ? 
# 
loop_
_pdbx_audit_revision_group.ordinal 
_pdbx_audit_revision_group.revision_ordinal 
_pdbx_audit_revision_group.data_content_type 
_pdbx_audit_revision_group.group 
1 2 'Structure model' 'Version format compliance' 
2 3 'Structure model' 'Version format compliance' 
3 4 'Structure model' 'Refinement description'    
4 5 'Structure model' 'Data collection'           
5 5 'Structure model' 'Database references'       
# 
loop_
_pdbx_audit_revision_category.ordinal 
_pdbx_audit_revision_category.revision_ordinal 
_pdbx_audit_revision_category.data_content_type 
_pdbx_audit_revision_category.category 
1 4 'Structure model' software       
2 5 'Structure model' chem_comp_atom 
3 5 'Structure model' chem_comp_bond 
4 5 'Structure model' database_2     
# 
loop_
_pdbx_audit_revision_item.ordinal 
_pdbx_audit_revision_item.revision_ordinal 
_pdbx_audit_revision_item.data_content_type 
_pdbx_audit_revision_item.item 
1 5 'Structure model' '_database_2.pdbx_DOI'                
2 5 'Structure model' '_database_2.pdbx_database_accession' 
# 
_pdbx_database_status.status_code                     REL 
_pdbx_database_status.entry_id                        1EFO 
_pdbx_database_status.recvd_initial_deposition_date   2000-02-09 
_pdbx_database_status.deposit_site                    RCSB 
_pdbx_database_status.process_site                    RCSB 
_pdbx_database_status.status_code_sf                  REL 
_pdbx_database_status.SG_entry                        . 
_pdbx_database_status.status_code_mr                  ? 
_pdbx_database_status.pdb_format_compatible           Y 
_pdbx_database_status.status_code_cs                  ? 
_pdbx_database_status.methods_development_category    ? 
_pdbx_database_status.status_code_nmr_data            ? 
# 
loop_
_audit_author.name 
_audit_author.pdbx_ordinal 
'Sudarsanakumar, C.' 1 
'Xiong, Y.'          2 
'Sundaralingam, M.'  3 
# 
_citation.id                        primary 
_citation.title                     
'Crystal structure of an adenine bulge in the RNA chain of a DNA.RNA hybrid, d(CTCCTCTTC).r(gaagagagag).' 
_citation.journal_abbrev            J.Mol.Biol. 
_citation.journal_volume            299 
_citation.page_first                103 
_citation.page_last                 112 
_citation.year                      2000 
_citation.journal_id_ASTM           JMOBAK 
_citation.country                   UK 
_citation.journal_id_ISSN           0022-2836 
_citation.journal_id_CSD            0070 
_citation.book_publisher            ? 
_citation.pdbx_database_id_PubMed   10860725 
_citation.pdbx_database_id_DOI      10.1006/jmbi.2000.3730 
# 
loop_
_citation_author.citation_id 
_citation_author.name 
_citation_author.ordinal 
_citation_author.identifier_ORCID 
primary 'Sudarsanakumar, C.' 1 ? 
primary 'Xiong, Y.'          2 ? 
primary 'Sundaralingam, M.'  3 ? 
# 
loop_
_entity.id 
_entity.type 
_entity.src_method 
_entity.pdbx_description 
_entity.formula_weight 
_entity.pdbx_number_of_molecules 
_entity.pdbx_ec 
_entity.pdbx_mutation 
_entity.pdbx_fragment 
_entity.details 
1 polymer syn 
;DNA (5'-D(*CP*TP*CP*CP*TP*CP*TP*TP*C)-3')
;
2617.723 1  ? ? ? ? 
2 polymer syn 
;RNA (5'-R(*GP*AP*AP*GP*AP*GP*AP*GP*AP*G)-3')
;
3327.100 1  ? ? ? ? 
3 water   nat water                                          18.015   23 ? ? ? ? 
# 
loop_
_entity_poly.entity_id 
_entity_poly.type 
_entity_poly.nstd_linkage 
_entity_poly.nstd_monomer 
_entity_poly.pdbx_seq_one_letter_code 
_entity_poly.pdbx_seq_one_letter_code_can 
_entity_poly.pdbx_strand_id 
_entity_poly.pdbx_target_identifier 
1 polydeoxyribonucleotide no no '(DC)(DT)(DC)(DC)(DT)(DC)(DT)(DT)(DC)' CTCCTCTTC  A ? 
2 polyribonucleotide      no no GAAGAGAGAG                             GAAGAGAGAG B ? 
# 
_pdbx_entity_nonpoly.entity_id   3 
_pdbx_entity_nonpoly.name        water 
_pdbx_entity_nonpoly.comp_id     HOH 
# 
loop_
_entity_poly_seq.entity_id 
_entity_poly_seq.num 
_entity_poly_seq.mon_id 
_entity_poly_seq.hetero 
1 1  DC n 
1 2  DT n 
1 3  DC n 
1 4  DC n 
1 5  DT n 
1 6  DC n 
1 7  DT n 
1 8  DT n 
1 9  DC n 
2 1  G  n 
2 2  A  n 
2 3  A  n 
2 4  G  n 
2 5  A  n 
2 6  G  n 
2 7  A  n 
2 8  G  n 
2 9  A  n 
2 10 G  n 
# 
loop_
_chem_comp.id 
_chem_comp.type 
_chem_comp.mon_nstd_flag 
_chem_comp.name 
_chem_comp.pdbx_synonyms 
_chem_comp.formula 
_chem_comp.formula_weight 
A   'RNA linking' y "ADENOSINE-5'-MONOPHOSPHATE"        ? 'C10 H14 N5 O7 P' 347.221 
DC  'DNA linking' y "2'-DEOXYCYTIDINE-5'-MONOPHOSPHATE" ? 'C9 H14 N3 O7 P'  307.197 
DT  'DNA linking' y "THYMIDINE-5'-MONOPHOSPHATE"        ? 'C10 H15 N2 O8 P' 322.208 
G   'RNA linking' y "GUANOSINE-5'-MONOPHOSPHATE"        ? 'C10 H14 N5 O8 P' 363.221 
HOH non-polymer   . WATER                               ? 'H2 O'            18.015  
# 
loop_
_pdbx_poly_seq_scheme.asym_id 
_pdbx_poly_seq_scheme.entity_id 
_pdbx_poly_seq_scheme.seq_id 
_pdbx_poly_seq_scheme.mon_id 
_pdbx_poly_seq_scheme.ndb_seq_num 
_pdbx_poly_seq_scheme.pdb_seq_num 
_pdbx_poly_seq_scheme.auth_seq_num 
_pdbx_poly_seq_scheme.pdb_mon_id 
_pdbx_poly_seq_scheme.auth_mon_id 
_pdbx_poly_seq_scheme.pdb_strand_id 
_pdbx_poly_seq_scheme.pdb_ins_code 
_pdbx_poly_seq_scheme.hetero 
A 1 1  DC 1  1  1  DC C A . n 
A 1 2  DT 2  2  2  DT T A . n 
A 1 3  DC 3  3  3  DC C A . n 
A 1 4  DC 4  4  4  DC C A . n 
A 1 5  DT 5  5  5  DT T A . n 
A 1 6  DC 6  6  6  DC C A . n 
A 1 7  DT 7  7  7  DT T A . n 
A 1 8  DT 8  8  8  DT T A . n 
A 1 9  DC 9  9  9  DC C A . n 
B 2 1  G  1  10 10 G  G B . n 
B 2 2  A  2  11 11 A  A B . n 
B 2 3  A  3  12 12 A  A B . n 
B 2 4  G  4  13 13 G  G B . n 
B 2 5  A  5  14 14 A  A B . n 
B 2 6  G  6  15 15 G  G B . n 
B 2 7  A  7  16 16 A  A B . n 
B 2 8  G  8  17 17 G  G B . n 
B 2 9  A  9  18 18 A  A B . n 
B 2 10 G  10 19 19 G  G B . n 
# 
loop_
_pdbx_nonpoly_scheme.asym_id 
_pdbx_nonpoly_scheme.entity_id 
_pdbx_nonpoly_scheme.mon_id 
_pdbx_nonpoly_scheme.ndb_seq_num 
_pdbx_nonpoly_scheme.pdb_seq_num 
_pdbx_nonpoly_scheme.auth_seq_num 
_pdbx_nonpoly_scheme.pdb_mon_id 
_pdbx_nonpoly_scheme.auth_mon_id 
_pdbx_nonpoly_scheme.pdb_strand_id 
_pdbx_nonpoly_scheme.pdb_ins_code 
C 3 HOH 1  103 103 HOH WAT A . 
C 3 HOH 2  106 106 HOH WAT A . 
C 3 HOH 3  113 113 HOH WAT A . 
C 3 HOH 4  117 117 HOH WAT A . 
C 3 HOH 5  118 118 HOH WAT A . 
C 3 HOH 6  120 120 HOH WAT A . 
C 3 HOH 7  121 121 HOH WAT A . 
D 3 HOH 1  101 101 HOH WAT B . 
D 3 HOH 2  102 102 HOH WAT B . 
D 3 HOH 3  104 104 HOH WAT B . 
D 3 HOH 4  105 105 HOH WAT B . 
D 3 HOH 5  107 107 HOH WAT B . 
D 3 HOH 6  108 108 HOH WAT B . 
D 3 HOH 7  109 109 HOH WAT B . 
D 3 HOH 8  110 110 HOH WAT B . 
D 3 HOH 9  111 111 HOH WAT B . 
D 3 HOH 10 112 112 HOH WAT B . 
D 3 HOH 11 114 114 HOH WAT B . 
D 3 HOH 12 115 115 HOH WAT B . 
D 3 HOH 13 116 116 HOH WAT B . 
D 3 HOH 14 119 119 HOH WAT B . 
D 3 HOH 15 122 122 HOH WAT B . 
D 3 HOH 16 123 123 HOH WAT B . 
# 
loop_
_software.name 
_software.classification 
_software.version 
_software.citation_id 
_software.pdbx_ordinal 
AMoRE     phasing        . ? 1 
CNS       refinement     . ? 2 
SCALEPACK 'data scaling' . ? 3 
# 
_cell.entry_id           1EFO 
_cell.length_a           46.66 
_cell.length_b           47.61 
_cell.length_c           54.04 
_cell.angle_alpha        90.0 
_cell.angle_beta         90.0 
_cell.angle_gamma        90.0 
_cell.Z_PDB              8 
_cell.pdbx_unique_axis   ? 
_cell.length_a_esd       ? 
_cell.length_b_esd       ? 
_cell.length_c_esd       ? 
_cell.angle_alpha_esd    ? 
_cell.angle_beta_esd     ? 
_cell.angle_gamma_esd    ? 
# 
_symmetry.entry_id                         1EFO 
_symmetry.space_group_name_H-M             'I 2 2 2' 
_symmetry.pdbx_full_space_group_name_H-M   ? 
_symmetry.cell_setting                     orthorhombic 
_symmetry.Int_Tables_number                23 
_symmetry.space_group_name_Hall            ? 
# 
_exptl.entry_id          1EFO 
_exptl.method            'X-RAY DIFFRACTION' 
_exptl.crystals_number   1 
# 
_exptl_crystal.id                    1 
_exptl_crystal.density_meas          ? 
_exptl_crystal.density_percent_sol   50.62 
_exptl_crystal.density_Matthews      2.49 
_exptl_crystal.description           ? 
_exptl_crystal.F_000                 ? 
_exptl_crystal.preparation           ? 
# 
_exptl_crystal_grow.crystal_id      1 
_exptl_crystal_grow.method          'VAPOR DIFFUSION, HANGING DROP' 
_exptl_crystal_grow.temp            293 
_exptl_crystal_grow.temp_details    ? 
_exptl_crystal_grow.pH              6.0 
_exptl_crystal_grow.pdbx_details    
'MPD, LITHIUM CHLORIDE, SPERMINE TETRACHLORIDE, CACODYLATE, pH 6.0, VAPOR DIFFUSION, HANGING DROP, temperature 293K' 
_exptl_crystal_grow.pdbx_pH_range   ? 
# 
loop_
_exptl_crystal_grow_comp.crystal_id 
_exptl_crystal_grow_comp.id 
_exptl_crystal_grow_comp.sol_id 
_exptl_crystal_grow_comp.name 
_exptl_crystal_grow_comp.volume 
_exptl_crystal_grow_comp.conc 
_exptl_crystal_grow_comp.details 
1 1 1 'SPERMINE TETRACHLORIDE' ? ? ? 
1 2 1 CACODYLATE               ? ? ? 
1 3 1 LICL                     ? ? ? 
1 4 1 MPD                      ? ? ? 
1 5 2 LICL                     ? ? ? 
1 6 2 MPD                      ? ? ? 
# 
_diffrn.id                     1 
_diffrn.ambient_temp           297 
_diffrn.ambient_temp_details   ? 
_diffrn.crystal_id             1 
# 
_diffrn_detector.diffrn_id              1 
_diffrn_detector.detector               'IMAGE PLATE' 
_diffrn_detector.type                   'RIGAKU RAXIS IIC' 
_diffrn_detector.pdbx_collection_date   1999-07-22 
_diffrn_detector.details                ? 
# 
_diffrn_radiation.diffrn_id                        1 
_diffrn_radiation.wavelength_id                    1 
_diffrn_radiation.pdbx_monochromatic_or_laue_m_l   M 
_diffrn_radiation.monochromator                    ? 
_diffrn_radiation.pdbx_diffrn_protocol             'SINGLE WAVELENGTH' 
_diffrn_radiation.pdbx_scattering_type             x-ray 
# 
_diffrn_radiation_wavelength.id           1 
_diffrn_radiation_wavelength.wavelength   1.5418 
_diffrn_radiation_wavelength.wt           1.0 
# 
_diffrn_source.diffrn_id                   1 
_diffrn_source.source                      'ROTATING ANODE' 
_diffrn_source.type                        RIGAKU 
_diffrn_source.pdbx_synchrotron_site       ? 
_diffrn_source.pdbx_synchrotron_beamline   ? 
_diffrn_source.pdbx_wavelength             1.5418 
_diffrn_source.pdbx_wavelength_list        ? 
# 
_reflns.entry_id                     1EFO 
_reflns.observed_criterion_sigma_I   1.0 
_reflns.observed_criterion_sigma_F   2.0 
_reflns.d_resolution_low             10.0 
_reflns.d_resolution_high            2.3 
_reflns.number_obs                   2486 
_reflns.number_all                   2880 
_reflns.percent_possible_obs         91.4 
_reflns.pdbx_Rmerge_I_obs            0.0700000 
_reflns.pdbx_Rsym_value              ? 
_reflns.pdbx_netI_over_sigmaI        ? 
_reflns.B_iso_Wilson_estimate        ? 
_reflns.pdbx_redundancy              5.6 
_reflns.R_free_details               ? 
_reflns.pdbx_chi_squared             ? 
_reflns.pdbx_scaling_rejects         ? 
_reflns.pdbx_diffrn_id               1 
_reflns.pdbx_ordinal                 1 
# 
_reflns_shell.d_res_high             2.30 
_reflns_shell.d_res_low              2.38 
_reflns_shell.percent_possible_all   71.3 
_reflns_shell.Rmerge_I_obs           0.0800000 
_reflns_shell.pdbx_Rsym_value        ? 
_reflns_shell.meanI_over_sigI_obs    ? 
_reflns_shell.pdbx_redundancy        4.0 
_reflns_shell.percent_possible_obs   ? 
_reflns_shell.number_unique_all      ? 
_reflns_shell.number_measured_all    ? 
_reflns_shell.number_measured_obs    ? 
_reflns_shell.number_unique_obs      ? 
_reflns_shell.pdbx_chi_squared       ? 
_reflns_shell.pdbx_diffrn_id         ? 
_reflns_shell.pdbx_ordinal           1 
# 
_refine.entry_id                                 1EFO 
_refine.ls_number_reflns_obs                     2486 
_refine.ls_number_reflns_all                     2578 
_refine.pdbx_ls_sigma_I                          1.0 
_refine.pdbx_ls_sigma_F                          2.0 
_refine.pdbx_data_cutoff_high_absF               ? 
_refine.pdbx_data_cutoff_low_absF                ? 
_refine.pdbx_data_cutoff_high_rms_absF           ? 
_refine.ls_d_res_low                             10.0 
_refine.ls_d_res_high                            2.30 
_refine.ls_percent_reflns_obs                    91.4 
_refine.ls_R_factor_obs                          0.1990000 
_refine.ls_R_factor_all                          ? 
_refine.ls_R_factor_R_work                       0.1990000 
_refine.ls_R_factor_R_free                       0.2220000 
_refine.ls_R_factor_R_free_error                 ? 
_refine.ls_R_factor_R_free_error_details         ? 
_refine.ls_percent_reflns_R_free                 9 
_refine.ls_number_reflns_R_free                  237 
_refine.ls_number_parameters                     ? 
_refine.ls_number_restraints                     ? 
_refine.occupancy_min                            ? 
_refine.occupancy_max                            ? 
_refine.B_iso_mean                               ? 
_refine.aniso_B[1][1]                            ? 
_refine.aniso_B[2][2]                            ? 
_refine.aniso_B[3][3]                            ? 
_refine.aniso_B[1][2]                            ? 
_refine.aniso_B[1][3]                            ? 
_refine.aniso_B[2][3]                            ? 
_refine.solvent_model_details                    ? 
_refine.solvent_model_param_ksol                 ? 
_refine.solvent_model_param_bsol                 ? 
_refine.pdbx_ls_cross_valid_method               THROUGHOUT 
_refine.details                                  ? 
_refine.pdbx_starting_model                      ? 
_refine.pdbx_method_to_determine_struct          ? 
_refine.pdbx_isotropic_thermal_model             ? 
_refine.pdbx_stereochemistry_target_values       ? 
_refine.pdbx_stereochem_target_val_spec_case     ? 
_refine.pdbx_R_Free_selection_details            RANDOM 
_refine.pdbx_overall_ESU_R                       ? 
_refine.pdbx_overall_ESU_R_Free                  ? 
_refine.overall_SU_ML                            ? 
_refine.overall_SU_B                             ? 
_refine.ls_redundancy_reflns_obs                 ? 
_refine.correlation_coeff_Fo_to_Fc               ? 
_refine.correlation_coeff_Fo_to_Fc_free          ? 
_refine.overall_SU_R_Cruickshank_DPI             ? 
_refine.overall_SU_R_free                        ? 
_refine.pdbx_refine_id                           'X-RAY DIFFRACTION' 
_refine.pdbx_overall_phase_error                 ? 
_refine.pdbx_solvent_vdw_probe_radii             ? 
_refine.pdbx_solvent_ion_probe_radii             ? 
_refine.pdbx_solvent_shrinkage_radii             ? 
_refine.ls_wR_factor_R_free                      ? 
_refine.ls_wR_factor_R_work                      ? 
_refine.overall_FOM_free_R_set                   ? 
_refine.overall_FOM_work_R_set                   ? 
_refine.pdbx_diffrn_id                           1 
_refine.pdbx_TLS_residual_ADP_flag               ? 
_refine.pdbx_overall_SU_R_free_Cruickshank_DPI   ? 
_refine.pdbx_overall_SU_R_Blow_DPI               ? 
_refine.pdbx_overall_SU_R_free_Blow_DPI          ? 
# 
_refine_hist.pdbx_refine_id                   'X-RAY DIFFRACTION' 
_refine_hist.cycle_id                         LAST 
_refine_hist.pdbx_number_atoms_protein        0 
_refine_hist.pdbx_number_atoms_nucleic_acid   394 
_refine_hist.pdbx_number_atoms_ligand         0 
_refine_hist.number_atoms_solvent             23 
_refine_hist.number_atoms_total               417 
_refine_hist.d_res_high                       2.30 
_refine_hist.d_res_low                        10.0 
# 
loop_
_refine_ls_restr.type 
_refine_ls_restr.dev_ideal 
_refine_ls_restr.dev_ideal_target 
_refine_ls_restr.weight 
_refine_ls_restr.number 
_refine_ls_restr.pdbx_refine_id 
_refine_ls_restr.pdbx_restraint_function 
c_bond_d                0.007 ? ? ? 'X-RAY DIFFRACTION' ? 
c_bond_d_na             ?     ? ? ? 'X-RAY DIFFRACTION' ? 
c_bond_d_prot           ?     ? ? ? 'X-RAY DIFFRACTION' ? 
c_angle_d               ?     ? ? ? 'X-RAY DIFFRACTION' ? 
c_angle_d_na            ?     ? ? ? 'X-RAY DIFFRACTION' ? 
c_angle_d_prot          ?     ? ? ? 'X-RAY DIFFRACTION' ? 
c_angle_deg             1.2   ? ? ? 'X-RAY DIFFRACTION' ? 
c_angle_deg_na          ?     ? ? ? 'X-RAY DIFFRACTION' ? 
c_angle_deg_prot        ?     ? ? ? 'X-RAY DIFFRACTION' ? 
c_dihedral_angle_d      ?     ? ? ? 'X-RAY DIFFRACTION' ? 
c_dihedral_angle_d_na   ?     ? ? ? 'X-RAY DIFFRACTION' ? 
c_dihedral_angle_d_prot ?     ? ? ? 'X-RAY DIFFRACTION' ? 
c_improper_angle_d      ?     ? ? ? 'X-RAY DIFFRACTION' ? 
c_improper_angle_d_na   ?     ? ? ? 'X-RAY DIFFRACTION' ? 
c_improper_angle_d_prot ?     ? ? ? 'X-RAY DIFFRACTION' ? 
c_mcbond_it             ?     ? ? ? 'X-RAY DIFFRACTION' ? 
c_mcangle_it            ?     ? ? ? 'X-RAY DIFFRACTION' ? 
c_scbond_it             ?     ? ? ? 'X-RAY DIFFRACTION' ? 
c_scangle_it            ?     ? ? ? 'X-RAY DIFFRACTION' ? 
# 
_struct.entry_id                  1EFO 
_struct.title                     
'CRYSTAL STRUCTURE OF AN ADENINE BULGE IN THE RNA CHAIN OF A DNA/RNA HYBRID, D(CTCCTCTTC)/R(GAAGAGAGAG)' 
_struct.pdbx_model_details        ? 
_struct.pdbx_CASP_flag            ? 
_struct.pdbx_model_type_details   ? 
# 
_struct_keywords.entry_id        1EFO 
_struct_keywords.pdbx_keywords   'DNA-RNA HYBRID' 
_struct_keywords.text            'A-FORM CONFORMATION, HYBRID, ADENINE BULGE, LOOPED OUT, DNA-RNA COMPLEX, DNA-RNA HYBRID' 
# 
loop_
_struct_asym.id 
_struct_asym.pdbx_blank_PDB_chainid_flag 
_struct_asym.pdbx_modified 
_struct_asym.entity_id 
_struct_asym.details 
A N N 1 ? 
B N N 2 ? 
C N N 3 ? 
D N N 3 ? 
# 
loop_
_struct_ref.id 
_struct_ref.entity_id 
_struct_ref.db_name 
_struct_ref.db_code 
_struct_ref.pdbx_db_accession 
_struct_ref.pdbx_align_begin 
_struct_ref.pdbx_seq_one_letter_code 
_struct_ref.pdbx_db_isoform 
1 1 PDB 1EFO 1EFO ? ? ? 
2 2 PDB 1EFO 1EFO ? ? ? 
# 
loop_
_struct_ref_seq.align_id 
_struct_ref_seq.ref_id 
_struct_ref_seq.pdbx_PDB_id_code 
_struct_ref_seq.pdbx_strand_id 
_struct_ref_seq.seq_align_beg 
_struct_ref_seq.pdbx_seq_align_beg_ins_code 
_struct_ref_seq.seq_align_end 
_struct_ref_seq.pdbx_seq_align_end_ins_code 
_struct_ref_seq.pdbx_db_accession 
_struct_ref_seq.db_align_beg 
_struct_ref_seq.pdbx_db_align_beg_ins_code 
_struct_ref_seq.db_align_end 
_struct_ref_seq.pdbx_db_align_end_ins_code 
_struct_ref_seq.pdbx_auth_seq_align_beg 
_struct_ref_seq.pdbx_auth_seq_align_end 
1 1 1EFO A 1 ? 9  ? 1EFO 1  ? 9  ? 1  9  
2 2 1EFO B 1 ? 10 ? 1EFO 10 ? 19 ? 10 19 
# 
_pdbx_struct_assembly.id                   1 
_pdbx_struct_assembly.details              author_defined_assembly 
_pdbx_struct_assembly.method_details       ? 
_pdbx_struct_assembly.oligomeric_details   dimeric 
_pdbx_struct_assembly.oligomeric_count     2 
# 
_pdbx_struct_assembly_gen.assembly_id       1 
_pdbx_struct_assembly_gen.oper_expression   1 
_pdbx_struct_assembly_gen.asym_id_list      A,B,C,D 
# 
_pdbx_struct_oper_list.id                   1 
_pdbx_struct_oper_list.type                 'identity operation' 
_pdbx_struct_oper_list.name                 1_555 
_pdbx_struct_oper_list.symmetry_operation   x,y,z 
_pdbx_struct_oper_list.matrix[1][1]         1.0000000000 
_pdbx_struct_oper_list.matrix[1][2]         0.0000000000 
_pdbx_struct_oper_list.matrix[1][3]         0.0000000000 
_pdbx_struct_oper_list.vector[1]            0.0000000000 
_pdbx_struct_oper_list.matrix[2][1]         0.0000000000 
_pdbx_struct_oper_list.matrix[2][2]         1.0000000000 
_pdbx_struct_oper_list.matrix[2][3]         0.0000000000 
_pdbx_struct_oper_list.vector[2]            0.0000000000 
_pdbx_struct_oper_list.matrix[3][1]         0.0000000000 
_pdbx_struct_oper_list.matrix[3][2]         0.0000000000 
_pdbx_struct_oper_list.matrix[3][3]         1.0000000000 
_pdbx_struct_oper_list.vector[3]            0.0000000000 
# 
_struct_biol.id                    1 
_struct_biol.pdbx_parent_biol_id   ? 
_struct_biol.details               ? 
# 
loop_
_struct_conn.id 
_struct_conn.conn_type_id 
_struct_conn.pdbx_leaving_atom_flag 
_struct_conn.pdbx_PDB_id 
_struct_conn.ptnr1_label_asym_id 
_struct_conn.ptnr1_label_comp_id 
_struct_conn.ptnr1_label_seq_id 
_struct_conn.ptnr1_label_atom_id 
_struct_conn.pdbx_ptnr1_label_alt_id 
_struct_conn.pdbx_ptnr1_PDB_ins_code 
_struct_conn.pdbx_ptnr1_standard_comp_id 
_struct_conn.ptnr1_symmetry 
_struct_conn.ptnr2_label_asym_id 
_struct_conn.ptnr2_label_comp_id 
_struct_conn.ptnr2_label_seq_id 
_struct_conn.ptnr2_label_atom_id 
_struct_conn.pdbx_ptnr2_label_alt_id 
_struct_conn.pdbx_ptnr2_PDB_ins_code 
_struct_conn.ptnr1_auth_asym_id 
_struct_conn.ptnr1_auth_comp_id 
_struct_conn.ptnr1_auth_seq_id 
_struct_conn.ptnr2_auth_asym_id 
_struct_conn.ptnr2_auth_comp_id 
_struct_conn.ptnr2_auth_seq_id 
_struct_conn.ptnr2_symmetry 
_struct_conn.pdbx_ptnr3_label_atom_id 
_struct_conn.pdbx_ptnr3_label_seq_id 
_struct_conn.pdbx_ptnr3_label_comp_id 
_struct_conn.pdbx_ptnr3_label_asym_id 
_struct_conn.pdbx_ptnr3_label_alt_id 
_struct_conn.pdbx_ptnr3_PDB_ins_code 
_struct_conn.details 
_struct_conn.pdbx_dist_value 
_struct_conn.pdbx_value_order 
_struct_conn.pdbx_role 
hydrog1  hydrog ? ? A DC 1 N3 ? ? ? 1_555 B G 10 N1 ? ? A DC 1 B G 19 1_555 ? ? ? ? ? ? WATSON-CRICK ? ? ? 
hydrog2  hydrog ? ? A DC 1 N4 ? ? ? 1_555 B G 10 O6 ? ? A DC 1 B G 19 1_555 ? ? ? ? ? ? WATSON-CRICK ? ? ? 
hydrog3  hydrog ? ? A DC 1 O2 ? ? ? 1_555 B G 10 N2 ? ? A DC 1 B G 19 1_555 ? ? ? ? ? ? WATSON-CRICK ? ? ? 
hydrog4  hydrog ? ? A DT 2 N3 ? ? ? 1_555 B A 9  N1 ? ? A DT 2 B A 18 1_555 ? ? ? ? ? ? WATSON-CRICK ? ? ? 
hydrog5  hydrog ? ? A DT 2 O4 ? ? ? 1_555 B A 9  N6 ? ? A DT 2 B A 18 1_555 ? ? ? ? ? ? WATSON-CRICK ? ? ? 
hydrog6  hydrog ? ? A DC 3 N3 ? ? ? 1_555 B G 8  N1 ? ? A DC 3 B G 17 1_555 ? ? ? ? ? ? WATSON-CRICK ? ? ? 
hydrog7  hydrog ? ? A DC 3 N4 ? ? ? 1_555 B G 8  O6 ? ? A DC 3 B G 17 1_555 ? ? ? ? ? ? WATSON-CRICK ? ? ? 
hydrog8  hydrog ? ? A DC 3 O2 ? ? ? 1_555 B G 8  N2 ? ? A DC 3 B G 17 1_555 ? ? ? ? ? ? WATSON-CRICK ? ? ? 
hydrog9  hydrog ? ? A DC 4 N3 ? ? ? 1_555 B G 6  N1 ? ? A DC 4 B G 15 1_555 ? ? ? ? ? ? WATSON-CRICK ? ? ? 
hydrog10 hydrog ? ? A DC 4 N4 ? ? ? 1_555 B G 6  O6 ? ? A DC 4 B G 15 1_555 ? ? ? ? ? ? WATSON-CRICK ? ? ? 
hydrog11 hydrog ? ? A DC 4 O2 ? ? ? 1_555 B G 6  N2 ? ? A DC 4 B G 15 1_555 ? ? ? ? ? ? WATSON-CRICK ? ? ? 
hydrog12 hydrog ? ? A DT 5 N3 ? ? ? 1_555 B A 5  N1 ? ? A DT 5 B A 14 1_555 ? ? ? ? ? ? WATSON-CRICK ? ? ? 
hydrog13 hydrog ? ? A DT 5 O4 ? ? ? 1_555 B A 5  N6 ? ? A DT 5 B A 14 1_555 ? ? ? ? ? ? WATSON-CRICK ? ? ? 
hydrog14 hydrog ? ? A DC 6 N3 ? ? ? 1_555 B G 4  N1 ? ? A DC 6 B G 13 1_555 ? ? ? ? ? ? WATSON-CRICK ? ? ? 
hydrog15 hydrog ? ? A DC 6 N4 ? ? ? 1_555 B G 4  O6 ? ? A DC 6 B G 13 1_555 ? ? ? ? ? ? WATSON-CRICK ? ? ? 
hydrog16 hydrog ? ? A DC 6 O2 ? ? ? 1_555 B G 4  N2 ? ? A DC 6 B G 13 1_555 ? ? ? ? ? ? WATSON-CRICK ? ? ? 
hydrog17 hydrog ? ? A DT 7 N3 ? ? ? 1_555 B A 3  N1 ? ? A DT 7 B A 12 1_555 ? ? ? ? ? ? WATSON-CRICK ? ? ? 
hydrog18 hydrog ? ? A DT 7 O4 ? ? ? 1_555 B A 3  N6 ? ? A DT 7 B A 12 1_555 ? ? ? ? ? ? WATSON-CRICK ? ? ? 
hydrog19 hydrog ? ? A DT 8 N3 ? ? ? 1_555 B A 2  N1 ? ? A DT 8 B A 11 1_555 ? ? ? ? ? ? WATSON-CRICK ? ? ? 
hydrog20 hydrog ? ? A DT 8 O4 ? ? ? 1_555 B A 2  N6 ? ? A DT 8 B A 11 1_555 ? ? ? ? ? ? WATSON-CRICK ? ? ? 
hydrog21 hydrog ? ? A DC 9 N3 ? ? ? 1_555 B G 1  N1 ? ? A DC 9 B G 10 1_555 ? ? ? ? ? ? WATSON-CRICK ? ? ? 
hydrog22 hydrog ? ? A DC 9 N4 ? ? ? 1_555 B G 1  O6 ? ? A DC 9 B G 10 1_555 ? ? ? ? ? ? WATSON-CRICK ? ? ? 
hydrog23 hydrog ? ? A DC 9 O2 ? ? ? 1_555 B G 1  N2 ? ? A DC 9 B G 10 1_555 ? ? ? ? ? ? WATSON-CRICK ? ? ? 
# 
_struct_conn_type.id          hydrog 
_struct_conn_type.criteria    ? 
_struct_conn_type.reference   ? 
# 
loop_
_chem_comp_atom.comp_id 
_chem_comp_atom.atom_id 
_chem_comp_atom.type_symbol 
_chem_comp_atom.pdbx_aromatic_flag 
_chem_comp_atom.pdbx_stereo_config 
_chem_comp_atom.pdbx_ordinal 
A   OP3    O N N 1   
A   P      P N N 2   
A   OP1    O N N 3   
A   OP2    O N N 4   
A   "O5'"  O N N 5   
A   "C5'"  C N N 6   
A   "C4'"  C N R 7   
A   "O4'"  O N N 8   
A   "C3'"  C N S 9   
A   "O3'"  O N N 10  
A   "C2'"  C N R 11  
A   "O2'"  O N N 12  
A   "C1'"  C N R 13  
A   N9     N Y N 14  
A   C8     C Y N 15  
A   N7     N Y N 16  
A   C5     C Y N 17  
A   C6     C Y N 18  
A   N6     N N N 19  
A   N1     N Y N 20  
A   C2     C Y N 21  
A   N3     N Y N 22  
A   C4     C Y N 23  
A   HOP3   H N N 24  
A   HOP2   H N N 25  
A   "H5'"  H N N 26  
A   "H5''" H N N 27  
A   "H4'"  H N N 28  
A   "H3'"  H N N 29  
A   "HO3'" H N N 30  
A   "H2'"  H N N 31  
A   "HO2'" H N N 32  
A   "H1'"  H N N 33  
A   H8     H N N 34  
A   H61    H N N 35  
A   H62    H N N 36  
A   H2     H N N 37  
DC  OP3    O N N 38  
DC  P      P N N 39  
DC  OP1    O N N 40  
DC  OP2    O N N 41  
DC  "O5'"  O N N 42  
DC  "C5'"  C N N 43  
DC  "C4'"  C N R 44  
DC  "O4'"  O N N 45  
DC  "C3'"  C N S 46  
DC  "O3'"  O N N 47  
DC  "C2'"  C N N 48  
DC  "C1'"  C N R 49  
DC  N1     N N N 50  
DC  C2     C N N 51  
DC  O2     O N N 52  
DC  N3     N N N 53  
DC  C4     C N N 54  
DC  N4     N N N 55  
DC  C5     C N N 56  
DC  C6     C N N 57  
DC  HOP3   H N N 58  
DC  HOP2   H N N 59  
DC  "H5'"  H N N 60  
DC  "H5''" H N N 61  
DC  "H4'"  H N N 62  
DC  "H3'"  H N N 63  
DC  "HO3'" H N N 64  
DC  "H2'"  H N N 65  
DC  "H2''" H N N 66  
DC  "H1'"  H N N 67  
DC  H41    H N N 68  
DC  H42    H N N 69  
DC  H5     H N N 70  
DC  H6     H N N 71  
DT  OP3    O N N 72  
DT  P      P N N 73  
DT  OP1    O N N 74  
DT  OP2    O N N 75  
DT  "O5'"  O N N 76  
DT  "C5'"  C N N 77  
DT  "C4'"  C N R 78  
DT  "O4'"  O N N 79  
DT  "C3'"  C N S 80  
DT  "O3'"  O N N 81  
DT  "C2'"  C N N 82  
DT  "C1'"  C N R 83  
DT  N1     N N N 84  
DT  C2     C N N 85  
DT  O2     O N N 86  
DT  N3     N N N 87  
DT  C4     C N N 88  
DT  O4     O N N 89  
DT  C5     C N N 90  
DT  C7     C N N 91  
DT  C6     C N N 92  
DT  HOP3   H N N 93  
DT  HOP2   H N N 94  
DT  "H5'"  H N N 95  
DT  "H5''" H N N 96  
DT  "H4'"  H N N 97  
DT  "H3'"  H N N 98  
DT  "HO3'" H N N 99  
DT  "H2'"  H N N 100 
DT  "H2''" H N N 101 
DT  "H1'"  H N N 102 
DT  H3     H N N 103 
DT  H71    H N N 104 
DT  H72    H N N 105 
DT  H73    H N N 106 
DT  H6     H N N 107 
G   OP3    O N N 108 
G   P      P N N 109 
G   OP1    O N N 110 
G   OP2    O N N 111 
G   "O5'"  O N N 112 
G   "C5'"  C N N 113 
G   "C4'"  C N R 114 
G   "O4'"  O N N 115 
G   "C3'"  C N S 116 
G   "O3'"  O N N 117 
G   "C2'"  C N R 118 
G   "O2'"  O N N 119 
G   "C1'"  C N R 120 
G   N9     N Y N 121 
G   C8     C Y N 122 
G   N7     N Y N 123 
G   C5     C Y N 124 
G   C6     C N N 125 
G   O6     O N N 126 
G   N1     N N N 127 
G   C2     C N N 128 
G   N2     N N N 129 
G   N3     N N N 130 
G   C4     C Y N 131 
G   HOP3   H N N 132 
G   HOP2   H N N 133 
G   "H5'"  H N N 134 
G   "H5''" H N N 135 
G   "H4'"  H N N 136 
G   "H3'"  H N N 137 
G   "HO3'" H N N 138 
G   "H2'"  H N N 139 
G   "HO2'" H N N 140 
G   "H1'"  H N N 141 
G   H8     H N N 142 
G   H1     H N N 143 
G   H21    H N N 144 
G   H22    H N N 145 
HOH O      O N N 146 
HOH H1     H N N 147 
HOH H2     H N N 148 
# 
loop_
_chem_comp_bond.comp_id 
_chem_comp_bond.atom_id_1 
_chem_comp_bond.atom_id_2 
_chem_comp_bond.value_order 
_chem_comp_bond.pdbx_aromatic_flag 
_chem_comp_bond.pdbx_stereo_config 
_chem_comp_bond.pdbx_ordinal 
A   OP3   P      sing N N 1   
A   OP3   HOP3   sing N N 2   
A   P     OP1    doub N N 3   
A   P     OP2    sing N N 4   
A   P     "O5'"  sing N N 5   
A   OP2   HOP2   sing N N 6   
A   "O5'" "C5'"  sing N N 7   
A   "C5'" "C4'"  sing N N 8   
A   "C5'" "H5'"  sing N N 9   
A   "C5'" "H5''" sing N N 10  
A   "C4'" "O4'"  sing N N 11  
A   "C4'" "C3'"  sing N N 12  
A   "C4'" "H4'"  sing N N 13  
A   "O4'" "C1'"  sing N N 14  
A   "C3'" "O3'"  sing N N 15  
A   "C3'" "C2'"  sing N N 16  
A   "C3'" "H3'"  sing N N 17  
A   "O3'" "HO3'" sing N N 18  
A   "C2'" "O2'"  sing N N 19  
A   "C2'" "C1'"  sing N N 20  
A   "C2'" "H2'"  sing N N 21  
A   "O2'" "HO2'" sing N N 22  
A   "C1'" N9     sing N N 23  
A   "C1'" "H1'"  sing N N 24  
A   N9    C8     sing Y N 25  
A   N9    C4     sing Y N 26  
A   C8    N7     doub Y N 27  
A   C8    H8     sing N N 28  
A   N7    C5     sing Y N 29  
A   C5    C6     sing Y N 30  
A   C5    C4     doub Y N 31  
A   C6    N6     sing N N 32  
A   C6    N1     doub Y N 33  
A   N6    H61    sing N N 34  
A   N6    H62    sing N N 35  
A   N1    C2     sing Y N 36  
A   C2    N3     doub Y N 37  
A   C2    H2     sing N N 38  
A   N3    C4     sing Y N 39  
DC  OP3   P      sing N N 40  
DC  OP3   HOP3   sing N N 41  
DC  P     OP1    doub N N 42  
DC  P     OP2    sing N N 43  
DC  P     "O5'"  sing N N 44  
DC  OP2   HOP2   sing N N 45  
DC  "O5'" "C5'"  sing N N 46  
DC  "C5'" "C4'"  sing N N 47  
DC  "C5'" "H5'"  sing N N 48  
DC  "C5'" "H5''" sing N N 49  
DC  "C4'" "O4'"  sing N N 50  
DC  "C4'" "C3'"  sing N N 51  
DC  "C4'" "H4'"  sing N N 52  
DC  "O4'" "C1'"  sing N N 53  
DC  "C3'" "O3'"  sing N N 54  
DC  "C3'" "C2'"  sing N N 55  
DC  "C3'" "H3'"  sing N N 56  
DC  "O3'" "HO3'" sing N N 57  
DC  "C2'" "C1'"  sing N N 58  
DC  "C2'" "H2'"  sing N N 59  
DC  "C2'" "H2''" sing N N 60  
DC  "C1'" N1     sing N N 61  
DC  "C1'" "H1'"  sing N N 62  
DC  N1    C2     sing N N 63  
DC  N1    C6     sing N N 64  
DC  C2    O2     doub N N 65  
DC  C2    N3     sing N N 66  
DC  N3    C4     doub N N 67  
DC  C4    N4     sing N N 68  
DC  C4    C5     sing N N 69  
DC  N4    H41    sing N N 70  
DC  N4    H42    sing N N 71  
DC  C5    C6     doub N N 72  
DC  C5    H5     sing N N 73  
DC  C6    H6     sing N N 74  
DT  OP3   P      sing N N 75  
DT  OP3   HOP3   sing N N 76  
DT  P     OP1    doub N N 77  
DT  P     OP2    sing N N 78  
DT  P     "O5'"  sing N N 79  
DT  OP2   HOP2   sing N N 80  
DT  "O5'" "C5'"  sing N N 81  
DT  "C5'" "C4'"  sing N N 82  
DT  "C5'" "H5'"  sing N N 83  
DT  "C5'" "H5''" sing N N 84  
DT  "C4'" "O4'"  sing N N 85  
DT  "C4'" "C3'"  sing N N 86  
DT  "C4'" "H4'"  sing N N 87  
DT  "O4'" "C1'"  sing N N 88  
DT  "C3'" "O3'"  sing N N 89  
DT  "C3'" "C2'"  sing N N 90  
DT  "C3'" "H3'"  sing N N 91  
DT  "O3'" "HO3'" sing N N 92  
DT  "C2'" "C1'"  sing N N 93  
DT  "C2'" "H2'"  sing N N 94  
DT  "C2'" "H2''" sing N N 95  
DT  "C1'" N1     sing N N 96  
DT  "C1'" "H1'"  sing N N 97  
DT  N1    C2     sing N N 98  
DT  N1    C6     sing N N 99  
DT  C2    O2     doub N N 100 
DT  C2    N3     sing N N 101 
DT  N3    C4     sing N N 102 
DT  N3    H3     sing N N 103 
DT  C4    O4     doub N N 104 
DT  C4    C5     sing N N 105 
DT  C5    C7     sing N N 106 
DT  C5    C6     doub N N 107 
DT  C7    H71    sing N N 108 
DT  C7    H72    sing N N 109 
DT  C7    H73    sing N N 110 
DT  C6    H6     sing N N 111 
G   OP3   P      sing N N 112 
G   OP3   HOP3   sing N N 113 
G   P     OP1    doub N N 114 
G   P     OP2    sing N N 115 
G   P     "O5'"  sing N N 116 
G   OP2   HOP2   sing N N 117 
G   "O5'" "C5'"  sing N N 118 
G   "C5'" "C4'"  sing N N 119 
G   "C5'" "H5'"  sing N N 120 
G   "C5'" "H5''" sing N N 121 
G   "C4'" "O4'"  sing N N 122 
G   "C4'" "C3'"  sing N N 123 
G   "C4'" "H4'"  sing N N 124 
G   "O4'" "C1'"  sing N N 125 
G   "C3'" "O3'"  sing N N 126 
G   "C3'" "C2'"  sing N N 127 
G   "C3'" "H3'"  sing N N 128 
G   "O3'" "HO3'" sing N N 129 
G   "C2'" "O2'"  sing N N 130 
G   "C2'" "C1'"  sing N N 131 
G   "C2'" "H2'"  sing N N 132 
G   "O2'" "HO2'" sing N N 133 
G   "C1'" N9     sing N N 134 
G   "C1'" "H1'"  sing N N 135 
G   N9    C8     sing Y N 136 
G   N9    C4     sing Y N 137 
G   C8    N7     doub Y N 138 
G   C8    H8     sing N N 139 
G   N7    C5     sing Y N 140 
G   C5    C6     sing N N 141 
G   C5    C4     doub Y N 142 
G   C6    O6     doub N N 143 
G   C6    N1     sing N N 144 
G   N1    C2     sing N N 145 
G   N1    H1     sing N N 146 
G   C2    N2     sing N N 147 
G   C2    N3     doub N N 148 
G   N2    H21    sing N N 149 
G   N2    H22    sing N N 150 
G   N3    C4     sing N N 151 
HOH O     H1     sing N N 152 
HOH O     H2     sing N N 153 
# 
loop_
_ndb_struct_conf_na.entry_id 
_ndb_struct_conf_na.feature 
1EFO 'a-form double helix' 
1EFO 'bulge loop'          
# 
loop_
_ndb_struct_na_base_pair.model_number 
_ndb_struct_na_base_pair.i_label_asym_id 
_ndb_struct_na_base_pair.i_label_comp_id 
_ndb_struct_na_base_pair.i_label_seq_id 
_ndb_struct_na_base_pair.i_symmetry 
_ndb_struct_na_base_pair.j_label_asym_id 
_ndb_struct_na_base_pair.j_label_comp_id 
_ndb_struct_na_base_pair.j_label_seq_id 
_ndb_struct_na_base_pair.j_symmetry 
_ndb_struct_na_base_pair.shear 
_ndb_struct_na_base_pair.stretch 
_ndb_struct_na_base_pair.stagger 
_ndb_struct_na_base_pair.buckle 
_ndb_struct_na_base_pair.propeller 
_ndb_struct_na_base_pair.opening 
_ndb_struct_na_base_pair.pair_number 
_ndb_struct_na_base_pair.pair_name 
_ndb_struct_na_base_pair.i_auth_asym_id 
_ndb_struct_na_base_pair.i_auth_seq_id 
_ndb_struct_na_base_pair.i_PDB_ins_code 
_ndb_struct_na_base_pair.j_auth_asym_id 
_ndb_struct_na_base_pair.j_auth_seq_id 
_ndb_struct_na_base_pair.j_PDB_ins_code 
_ndb_struct_na_base_pair.hbond_type_28 
_ndb_struct_na_base_pair.hbond_type_12 
1 A DC 1 1_555 B G 10 1_555 0.463  -0.357 0.245  -9.099 0.527   0.561  1 A_DC1:G19_B A 1 ? B 19 ? 19 1 
1 A DT 2 1_555 B A 9  1_555 0.248  -0.240 -0.035 10.510 -5.910  2.003  2 A_DT2:A18_B A 2 ? B 18 ? 20 1 
1 A DC 3 1_555 B G 8  1_555 1.077  -0.279 -0.201 11.155 -9.044  7.133  3 A_DC3:G17_B A 3 ? B 17 ? 19 1 
1 A DC 4 1_555 B G 6  1_555 0.071  0.010  -0.052 3.697  -7.725  5.100  4 A_DC4:G15_B A 4 ? B 15 ? 19 1 
1 A DT 5 1_555 B A 5  1_555 -0.397 -0.027 -0.060 12.821 -11.543 7.429  5 A_DT5:A14_B A 5 ? B 14 ? 20 1 
1 A DC 6 1_555 B G 4  1_555 0.903  -0.400 -0.060 10.339 -10.329 0.974  6 A_DC6:G13_B A 6 ? B 13 ? 19 1 
1 A DT 7 1_555 B A 3  1_555 0.198  -0.362 -0.052 6.136  -17.095 10.038 7 A_DT7:A12_B A 7 ? B 12 ? 20 1 
1 A DT 8 1_555 B A 2  1_555 0.287  -0.285 0.186  6.486  -11.057 3.365  8 A_DT8:A11_B A 8 ? B 11 ? 20 1 
1 A DC 9 1_555 B G 1  1_555 0.382  -0.146 0.098  5.302  -13.089 7.221  9 A_DC9:G10_B A 9 ? B 10 ? 19 1 
# 
loop_
_ndb_struct_na_base_pair_step.model_number 
_ndb_struct_na_base_pair_step.i_label_asym_id_1 
_ndb_struct_na_base_pair_step.i_label_comp_id_1 
_ndb_struct_na_base_pair_step.i_label_seq_id_1 
_ndb_struct_na_base_pair_step.i_symmetry_1 
_ndb_struct_na_base_pair_step.j_label_asym_id_1 
_ndb_struct_na_base_pair_step.j_label_comp_id_1 
_ndb_struct_na_base_pair_step.j_label_seq_id_1 
_ndb_struct_na_base_pair_step.j_symmetry_1 
_ndb_struct_na_base_pair_step.i_label_asym_id_2 
_ndb_struct_na_base_pair_step.i_label_comp_id_2 
_ndb_struct_na_base_pair_step.i_label_seq_id_2 
_ndb_struct_na_base_pair_step.i_symmetry_2 
_ndb_struct_na_base_pair_step.j_label_asym_id_2 
_ndb_struct_na_base_pair_step.j_label_comp_id_2 
_ndb_struct_na_base_pair_step.j_label_seq_id_2 
_ndb_struct_na_base_pair_step.j_symmetry_2 
_ndb_struct_na_base_pair_step.shift 
_ndb_struct_na_base_pair_step.slide 
_ndb_struct_na_base_pair_step.rise 
_ndb_struct_na_base_pair_step.tilt 
_ndb_struct_na_base_pair_step.roll 
_ndb_struct_na_base_pair_step.twist 
_ndb_struct_na_base_pair_step.x_displacement 
_ndb_struct_na_base_pair_step.y_displacement 
_ndb_struct_na_base_pair_step.helical_rise 
_ndb_struct_na_base_pair_step.inclination 
_ndb_struct_na_base_pair_step.tip 
_ndb_struct_na_base_pair_step.helical_twist 
_ndb_struct_na_base_pair_step.step_number 
_ndb_struct_na_base_pair_step.step_name 
_ndb_struct_na_base_pair_step.i_auth_asym_id_1 
_ndb_struct_na_base_pair_step.i_auth_seq_id_1 
_ndb_struct_na_base_pair_step.i_PDB_ins_code_1 
_ndb_struct_na_base_pair_step.j_auth_asym_id_1 
_ndb_struct_na_base_pair_step.j_auth_seq_id_1 
_ndb_struct_na_base_pair_step.j_PDB_ins_code_1 
_ndb_struct_na_base_pair_step.i_auth_asym_id_2 
_ndb_struct_na_base_pair_step.i_auth_seq_id_2 
_ndb_struct_na_base_pair_step.i_PDB_ins_code_2 
_ndb_struct_na_base_pair_step.j_auth_asym_id_2 
_ndb_struct_na_base_pair_step.j_auth_seq_id_2 
_ndb_struct_na_base_pair_step.j_PDB_ins_code_2 
1 A DC 1 1_555 B G 10 1_555 A DT 2 1_555 B A 9 1_555 -0.393 -1.882 2.870 0.465  -1.046 25.036 -4.061 1.027  2.937 -2.410 -1.071 
25.062 1 AA_DC1DT2:A18G19_BB A 1 ? B 19 ? A 2 ? B 18 ? 
1 A DT 2 1_555 B A 9  1_555 A DC 3 1_555 B G 8 1_555 0.443  -1.736 3.422 -0.739 0.909  35.261 -3.005 -0.845 3.368 1.500  1.219  
35.280 2 AA_DT2DC3:G17A18_BB A 2 ? B 18 ? A 3 ? B 17 ? 
1 A DC 3 1_555 B G 8  1_555 A DC 4 1_555 B G 6 1_555 -0.451 -1.953 3.512 -1.448 3.575  27.493 -4.966 0.577  3.256 7.474  3.028  
27.757 3 AA_DC3DC4:G15G17_BB A 3 ? B 17 ? A 4 ? B 15 ? 
1 A DC 4 1_555 B G 6  1_555 A DT 5 1_555 B A 5 1_555 -0.173 -1.585 3.233 -3.242 4.504  27.754 -4.238 -0.363 2.944 9.272  6.675  
28.292 4 AA_DC4DT5:A14G15_BB A 4 ? B 15 ? A 5 ? B 14 ? 
1 A DT 5 1_555 B A 5  1_555 A DC 6 1_555 B G 4 1_555 -0.888 -1.615 3.413 -3.984 10.475 33.689 -4.172 0.881  2.882 17.484 6.650  
35.453 5 AA_DT5DC6:G13A14_BB A 5 ? B 14 ? A 6 ? B 13 ? 
1 A DC 6 1_555 B G 4  1_555 A DT 7 1_555 B A 3 1_555 1.025  -1.673 3.304 3.975  9.182  30.795 -4.561 -1.167 2.809 16.745 -7.250 
32.343 6 AA_DC6DT7:A12G13_BB A 6 ? B 13 ? A 7 ? B 12 ? 
1 A DT 7 1_555 B A 3  1_555 A DT 8 1_555 B A 2 1_555 -0.962 -1.888 3.351 -1.546 9.043  27.681 -5.619 1.594  2.662 18.275 3.124  
29.133 7 AA_DT7DT8:A11A12_BB A 7 ? B 12 ? A 8 ? B 11 ? 
1 A DT 8 1_555 B A 2  1_555 A DC 9 1_555 B G 1 1_555 0.086  -1.337 3.300 -2.053 0.250  35.186 -2.245 -0.450 3.280 0.413  3.392  
35.245 8 AA_DT8DC9:G10A11_BB A 8 ? B 11 ? A 9 ? B 10 ? 
# 
_atom_sites.entry_id                    1EFO 
_atom_sites.fract_transf_matrix[1][1]   -0.00382604 
_atom_sites.fract_transf_matrix[1][2]   -0.01834683 
_atom_sites.fract_transf_matrix[1][3]   -0.01039644 
_atom_sites.fract_transf_matrix[2][1]   0.01236642 
_atom_sites.fract_transf_matrix[2][2]   0.00634464 
_atom_sites.fract_transf_matrix[2][3]   -0.01574754 
_atom_sites.fract_transf_matrix[3][1]   0.01458831 
_atom_sites.fract_transf_matrix[3][2]   -0.00776187 
_atom_sites.fract_transf_matrix[3][3]   0.00832885 
_atom_sites.fract_transf_vector[1]      0.141665 
_atom_sites.fract_transf_vector[2]      0.212083 
_atom_sites.fract_transf_vector[3]      0.247935 
# 
loop_
_atom_type.symbol 
C 
N 
O 
P 
# 
loop_
_atom_site.group_PDB 
_atom_site.id 
_atom_site.type_symbol 
_atom_site.label_atom_id 
_atom_site.label_alt_id 
_atom_site.label_comp_id 
_atom_site.label_asym_id 
_atom_site.label_entity_id 
_atom_site.label_seq_id 
_atom_site.pdbx_PDB_ins_code 
_atom_site.Cartn_x 
_atom_site.Cartn_y 
_atom_site.Cartn_z 
_atom_site.occupancy 
_atom_site.B_iso_or_equiv 
_atom_site.pdbx_formal_charge 
_atom_site.auth_seq_id 
_atom_site.auth_comp_id 
_atom_site.auth_asym_id 
_atom_site.auth_atom_id 
_atom_site.pdbx_PDB_model_num 
ATOM   1   O "O5'" . DC  A 1 1  ? 11.704  7.783   4.112   1.00 66.06 ? 1   DC  A "O5'" 1 
ATOM   2   C "C5'" . DC  A 1 1  ? 12.275  9.103   3.953   1.00 63.56 ? 1   DC  A "C5'" 1 
ATOM   3   C "C4'" . DC  A 1 1  ? 11.307  10.167  4.417   1.00 62.61 ? 1   DC  A "C4'" 1 
ATOM   4   O "O4'" . DC  A 1 1  ? 11.204  11.201  3.411   1.00 61.19 ? 1   DC  A "O4'" 1 
ATOM   5   C "C3'" . DC  A 1 1  ? 9.883   9.659   4.597   1.00 62.89 ? 1   DC  A "C3'" 1 
ATOM   6   O "O3'" . DC  A 1 1  ? 9.716   9.145   5.920   1.00 64.44 ? 1   DC  A "O3'" 1 
ATOM   7   C "C2'" . DC  A 1 1  ? 9.055   10.907  4.355   1.00 60.62 ? 1   DC  A "C2'" 1 
ATOM   8   C "C1'" . DC  A 1 1  ? 9.844   11.593  3.245   1.00 58.69 ? 1   DC  A "C1'" 1 
ATOM   9   N N1    . DC  A 1 1  ? 9.431   11.193  1.896   1.00 57.08 ? 1   DC  A N1    1 
ATOM   10  C C2    . DC  A 1 1  ? 8.167   11.568  1.442   1.00 56.50 ? 1   DC  A C2    1 
ATOM   11  O O2    . DC  A 1 1  ? 7.451   12.255  2.178   1.00 56.33 ? 1   DC  A O2    1 
ATOM   12  N N3    . DC  A 1 1  ? 7.762   11.177  0.210   1.00 55.91 ? 1   DC  A N3    1 
ATOM   13  C C4    . DC  A 1 1  ? 8.581   10.461  -0.565  1.00 55.82 ? 1   DC  A C4    1 
ATOM   14  N N4    . DC  A 1 1  ? 8.149   10.115  -1.776  1.00 56.12 ? 1   DC  A N4    1 
ATOM   15  C C5    . DC  A 1 1  ? 9.882   10.076  -0.131  1.00 55.50 ? 1   DC  A C5    1 
ATOM   16  C C6    . DC  A 1 1  ? 10.261  10.457  1.097   1.00 55.78 ? 1   DC  A C6    1 
ATOM   17  P P     . DT  A 1 2  ? 8.752   7.879   6.173   1.00 68.05 ? 2   DT  A P     1 
ATOM   18  O OP1   . DT  A 1 2  ? 9.020   7.408   7.561   1.00 68.41 ? 2   DT  A OP1   1 
ATOM   19  O OP2   . DT  A 1 2  ? 8.922   6.930   5.024   1.00 67.37 ? 2   DT  A OP2   1 
ATOM   20  O "O5'" . DT  A 1 2  ? 7.269   8.486   6.156   1.00 63.81 ? 2   DT  A "O5'" 1 
ATOM   21  C "C5'" . DT  A 1 2  ? 6.887   9.472   7.100   1.00 58.35 ? 2   DT  A "C5'" 1 
ATOM   22  C "C4'" . DT  A 1 2  ? 5.671   10.221  6.614   1.00 57.14 ? 2   DT  A "C4'" 1 
ATOM   23  O "O4'" . DT  A 1 2  ? 5.931   10.836  5.332   1.00 57.15 ? 2   DT  A "O4'" 1 
ATOM   24  C "C3'" . DT  A 1 2  ? 4.461   9.347   6.355   1.00 57.10 ? 2   DT  A "C3'" 1 
ATOM   25  O "O3'" . DT  A 1 2  ? 3.783   9.059   7.571   1.00 58.00 ? 2   DT  A "O3'" 1 
ATOM   26  C "C2'" . DT  A 1 2  ? 3.636   10.235  5.449   1.00 55.39 ? 2   DT  A "C2'" 1 
ATOM   27  C "C1'" . DT  A 1 2  ? 4.713   10.860  4.576   1.00 54.06 ? 2   DT  A "C1'" 1 
ATOM   28  N N1    . DT  A 1 2  ? 4.929   10.131  3.305   1.00 52.07 ? 2   DT  A N1    1 
ATOM   29  C C2    . DT  A 1 2  ? 4.012   10.350  2.300   1.00 50.95 ? 2   DT  A C2    1 
ATOM   30  O O2    . DT  A 1 2  ? 3.027   11.058  2.439   1.00 52.61 ? 2   DT  A O2    1 
ATOM   31  N N3    . DT  A 1 2  ? 4.281   9.695   1.125   1.00 48.85 ? 2   DT  A N3    1 
ATOM   32  C C4    . DT  A 1 2  ? 5.332   8.846   0.862   1.00 47.60 ? 2   DT  A C4    1 
ATOM   33  O O4    . DT  A 1 2  ? 5.444   8.343   -0.253  1.00 45.98 ? 2   DT  A O4    1 
ATOM   34  C C5    . DT  A 1 2  ? 6.237   8.628   1.969   1.00 47.85 ? 2   DT  A C5    1 
ATOM   35  C C7    . DT  A 1 2  ? 7.388   7.695   1.780   1.00 45.27 ? 2   DT  A C7    1 
ATOM   36  C C6    . DT  A 1 2  ? 5.998   9.278   3.121   1.00 48.89 ? 2   DT  A C6    1 
ATOM   37  P P     . DC  A 1 3  ? 2.985   7.676   7.718   1.00 56.75 ? 3   DC  A P     1 
ATOM   38  O OP1   . DC  A 1 3  ? 2.616   7.580   9.154   1.00 59.07 ? 3   DC  A OP1   1 
ATOM   39  O OP2   . DC  A 1 3  ? 3.818   6.616   7.093   1.00 56.98 ? 3   DC  A OP2   1 
ATOM   40  O "O5'" . DC  A 1 3  ? 1.660   7.893   6.848   1.00 56.57 ? 3   DC  A "O5'" 1 
ATOM   41  C "C5'" . DC  A 1 3  ? 0.795   8.994   7.112   1.00 55.01 ? 3   DC  A "C5'" 1 
ATOM   42  C "C4'" . DC  A 1 3  ? -0.154  9.211   5.956   1.00 56.48 ? 3   DC  A "C4'" 1 
ATOM   43  O "O4'" . DC  A 1 3  ? 0.574   9.578   4.761   1.00 56.59 ? 3   DC  A "O4'" 1 
ATOM   44  C "C3'" . DC  A 1 3  ? -0.959  7.989   5.546   1.00 57.47 ? 3   DC  A "C3'" 1 
ATOM   45  O "O3'" . DC  A 1 3  ? -2.104  7.828   6.397   1.00 60.79 ? 3   DC  A "O3'" 1 
ATOM   46  C "C2'" . DC  A 1 3  ? -1.353  8.346   4.124   1.00 56.23 ? 3   DC  A "C2'" 1 
ATOM   47  C "C1'" . DC  A 1 3  ? -0.105  9.068   3.607   1.00 55.32 ? 3   DC  A "C1'" 1 
ATOM   48  N N1    . DC  A 1 3  ? 0.832   8.194   2.863   1.00 53.09 ? 3   DC  A N1    1 
ATOM   49  C C2    . DC  A 1 3  ? 0.567   7.911   1.514   1.00 51.54 ? 3   DC  A C2    1 
ATOM   50  O O2    . DC  A 1 3  ? -0.437  8.411   0.985   1.00 48.91 ? 3   DC  A O2    1 
ATOM   51  N N3    . DC  A 1 3  ? 1.415   7.106   0.820   1.00 50.04 ? 3   DC  A N3    1 
ATOM   52  C C4    . DC  A 1 3  ? 2.497   6.610   1.419   1.00 50.76 ? 3   DC  A C4    1 
ATOM   53  N N4    . DC  A 1 3  ? 3.313   5.851   0.696   1.00 50.40 ? 3   DC  A N4    1 
ATOM   54  C C5    . DC  A 1 3  ? 2.792   6.878   2.791   1.00 51.12 ? 3   DC  A C5    1 
ATOM   55  C C6    . DC  A 1 3  ? 1.938   7.663   3.470   1.00 52.33 ? 3   DC  A C6    1 
ATOM   56  P P     . DC  A 1 4  ? -2.775  6.367   6.582   1.00 62.92 ? 4   DC  A P     1 
ATOM   57  O OP1   . DC  A 1 4  ? -3.739  6.466   7.716   1.00 63.76 ? 4   DC  A OP1   1 
ATOM   58  O OP2   . DC  A 1 4  ? -1.671  5.346   6.625   1.00 60.76 ? 4   DC  A OP2   1 
ATOM   59  O "O5'" . DC  A 1 4  ? -3.670  6.179   5.275   1.00 60.13 ? 4   DC  A "O5'" 1 
ATOM   60  C "C5'" . DC  A 1 4  ? -4.764  7.066   5.023   1.00 57.32 ? 4   DC  A "C5'" 1 
ATOM   61  C "C4'" . DC  A 1 4  ? -5.301  6.865   3.624   1.00 56.39 ? 4   DC  A "C4'" 1 
ATOM   62  O "O4'" . DC  A 1 4  ? -4.277  7.170   2.644   1.00 55.04 ? 4   DC  A "O4'" 1 
ATOM   63  C "C3'" . DC  A 1 4  ? -5.724  5.439   3.301   1.00 56.51 ? 4   DC  A "C3'" 1 
ATOM   64  O "O3'" . DC  A 1 4  ? -7.058  5.188   3.765   1.00 59.76 ? 4   DC  A "O3'" 1 
ATOM   65  C "C2'" . DC  A 1 4  ? -5.635  5.424   1.786   1.00 54.24 ? 4   DC  A "C2'" 1 
ATOM   66  C "C1'" . DC  A 1 4  ? -4.398  6.286   1.528   1.00 50.82 ? 4   DC  A "C1'" 1 
ATOM   67  N N1    . DC  A 1 4  ? -3.132  5.526   1.389   1.00 46.43 ? 4   DC  A N1    1 
ATOM   68  C C2    . DC  A 1 4  ? -2.882  4.882   0.179   1.00 42.89 ? 4   DC  A C2    1 
ATOM   69  O O2    . DC  A 1 4  ? -3.723  4.963   -0.719  1.00 45.46 ? 4   DC  A O2    1 
ATOM   70  N N3    . DC  A 1 4  ? -1.738  4.195   0.012   1.00 41.12 ? 4   DC  A N3    1 
ATOM   71  C C4    . DC  A 1 4  ? -0.845  4.145   1.003   1.00 42.04 ? 4   DC  A C4    1 
ATOM   72  N N4    . DC  A 1 4  ? 0.294   3.466   0.784   1.00 39.64 ? 4   DC  A N4    1 
ATOM   73  C C5    . DC  A 1 4  ? -1.074  4.788   2.259   1.00 40.36 ? 4   DC  A C5    1 
ATOM   74  C C6    . DC  A 1 4  ? -2.223  5.457   2.409   1.00 42.17 ? 4   DC  A C6    1 
ATOM   75  P P     . DT  A 1 5  ? -7.487  3.699   4.232   1.00 61.38 ? 5   DT  A P     1 
ATOM   76  O OP1   . DT  A 1 5  ? -8.833  3.857   4.865   1.00 60.79 ? 5   DT  A OP1   1 
ATOM   77  O OP2   . DT  A 1 5  ? -6.359  3.050   4.997   1.00 57.16 ? 5   DT  A OP2   1 
ATOM   78  O "O5'" . DT  A 1 5  ? -7.716  2.927   2.858   1.00 58.88 ? 5   DT  A "O5'" 1 
ATOM   79  C "C5'" . DT  A 1 5  ? -8.675  3.410   1.918   1.00 56.37 ? 5   DT  A "C5'" 1 
ATOM   80  C "C4'" . DT  A 1 5  ? -8.535  2.674   0.607   1.00 55.73 ? 5   DT  A "C4'" 1 
ATOM   81  O "O4'" . DT  A 1 5  ? -7.265  2.990   -0.006  1.00 55.23 ? 5   DT  A "O4'" 1 
ATOM   82  C "C3'" . DT  A 1 5  ? -8.497  1.162   0.738   1.00 57.04 ? 5   DT  A "C3'" 1 
ATOM   83  O "O3'" . DT  A 1 5  ? -9.807  0.613   0.876   1.00 59.02 ? 5   DT  A "O3'" 1 
ATOM   84  C "C2'" . DT  A 1 5  ? -7.840  0.752   -0.565  1.00 54.84 ? 5   DT  A "C2'" 1 
ATOM   85  C "C1'" . DT  A 1 5  ? -6.808  1.860   -0.760  1.00 52.32 ? 5   DT  A "C1'" 1 
ATOM   86  N N1    . DT  A 1 5  ? -5.458  1.506   -0.281  1.00 47.82 ? 5   DT  A N1    1 
ATOM   87  C C2    . DT  A 1 5  ? -4.616  0.816   -1.140  1.00 45.07 ? 5   DT  A C2    1 
ATOM   88  O O2    . DT  A 1 5  ? -4.935  0.482   -2.274  1.00 42.51 ? 5   DT  A O2    1 
ATOM   89  N N3    . DT  A 1 5  ? -3.379  0.528   -0.622  1.00 43.76 ? 5   DT  A N3    1 
ATOM   90  C C4    . DT  A 1 5  ? -2.916  0.856   0.632   1.00 45.43 ? 5   DT  A C4    1 
ATOM   91  O O4    . DT  A 1 5  ? -1.773  0.551   0.953   1.00 48.29 ? 5   DT  A O4    1 
ATOM   92  C C5    . DT  A 1 5  ? -3.855  1.567   1.484   1.00 45.84 ? 5   DT  A C5    1 
ATOM   93  C C7    . DT  A 1 5  ? -3.434  1.931   2.871   1.00 43.73 ? 5   DT  A C7    1 
ATOM   94  C C6    . DT  A 1 5  ? -5.061  1.858   0.989   1.00 45.36 ? 5   DT  A C6    1 
ATOM   95  P P     . DC  A 1 6  ? -10.005 -0.761  1.689   1.00 60.32 ? 6   DC  A P     1 
ATOM   96  O OP1   . DC  A 1 6  ? -11.471 -0.919  1.882   1.00 61.15 ? 6   DC  A OP1   1 
ATOM   97  O OP2   . DC  A 1 6  ? -9.076  -0.805  2.876   1.00 58.89 ? 6   DC  A OP2   1 
ATOM   98  O "O5'" . DC  A 1 6  ? -9.482  -1.883  0.686   1.00 59.32 ? 6   DC  A "O5'" 1 
ATOM   99  C "C5'" . DC  A 1 6  ? -10.183 -2.198  -0.508  1.00 56.39 ? 6   DC  A "C5'" 1 
ATOM   100 C "C4'" . DC  A 1 6  ? -9.372  -3.180  -1.318  1.00 55.49 ? 6   DC  A "C4'" 1 
ATOM   101 O "O4'" . DC  A 1 6  ? -8.133  -2.550  -1.722  1.00 54.68 ? 6   DC  A "O4'" 1 
ATOM   102 C "C3'" . DC  A 1 6  ? -8.899  -4.416  -0.558  1.00 56.04 ? 6   DC  A "C3'" 1 
ATOM   103 O "O3'" . DC  A 1 6  ? -9.926  -5.418  -0.449  1.00 58.48 ? 6   DC  A "O3'" 1 
ATOM   104 C "C2'" . DC  A 1 6  ? -7.759  -4.882  -1.441  1.00 53.64 ? 6   DC  A "C2'" 1 
ATOM   105 C "C1'" . DC  A 1 6  ? -7.125  -3.559  -1.867  1.00 51.04 ? 6   DC  A "C1'" 1 
ATOM   106 N N1    . DC  A 1 6  ? -5.984  -3.213  -1.010  1.00 46.61 ? 6   DC  A N1    1 
ATOM   107 C C2    . DC  A 1 6  ? -4.746  -3.800  -1.296  1.00 44.24 ? 6   DC  A C2    1 
ATOM   108 O O2    . DC  A 1 6  ? -4.658  -4.537  -2.296  1.00 43.14 ? 6   DC  A O2    1 
ATOM   109 N N3    . DC  A 1 6  ? -3.685  -3.553  -0.486  1.00 41.24 ? 6   DC  A N3    1 
ATOM   110 C C4    . DC  A 1 6  ? -3.830  -2.756  0.576   1.00 42.60 ? 6   DC  A C4    1 
ATOM   111 N N4    . DC  A 1 6  ? -2.768  -2.571  1.374   1.00 43.10 ? 6   DC  A N4    1 
ATOM   112 C C5    . DC  A 1 6  ? -5.077  -2.119  0.876   1.00 44.40 ? 6   DC  A C5    1 
ATOM   113 C C6    . DC  A 1 6  ? -6.117  -2.370  0.058   1.00 45.07 ? 6   DC  A C6    1 
ATOM   114 P P     . DT  A 1 7  ? -9.980  -6.385  0.854   1.00 58.33 ? 7   DT  A P     1 
ATOM   115 O OP1   . DT  A 1 7  ? -11.289 -7.100  0.769   1.00 56.83 ? 7   DT  A OP1   1 
ATOM   116 O OP2   . DT  A 1 7  ? -9.657  -5.570  2.061   1.00 57.28 ? 7   DT  A OP2   1 
ATOM   117 O "O5'" . DT  A 1 7  ? -8.794  -7.438  0.634   1.00 55.35 ? 7   DT  A "O5'" 1 
ATOM   118 C "C5'" . DT  A 1 7  ? -8.831  -8.332  -0.481  1.00 50.61 ? 7   DT  A "C5'" 1 
ATOM   119 C "C4'" . DT  A 1 7  ? -7.470  -8.932  -0.740  1.00 49.05 ? 7   DT  A "C4'" 1 
ATOM   120 O "O4'" . DT  A 1 7  ? -6.480  -7.905  -0.967  1.00 48.64 ? 7   DT  A "O4'" 1 
ATOM   121 C "C3'" . DT  A 1 7  ? -6.892  -9.760  0.396   1.00 49.23 ? 7   DT  A "C3'" 1 
ATOM   122 O "O3'" . DT  A 1 7  ? -7.450  -11.075 0.354   1.00 49.14 ? 7   DT  A "O3'" 1 
ATOM   123 C "C2'" . DT  A 1 7  ? -5.411  -9.766  0.056   1.00 46.94 ? 7   DT  A "C2'" 1 
ATOM   124 C "C1'" . DT  A 1 7  ? -5.200  -8.363  -0.515  1.00 45.43 ? 7   DT  A "C1'" 1 
ATOM   125 N N1    . DT  A 1 7  ? -4.713  -7.419  0.496   1.00 42.62 ? 7   DT  A N1    1 
ATOM   126 C C2    . DT  A 1 7  ? -3.363  -7.413  0.772   1.00 40.86 ? 7   DT  A C2    1 
ATOM   127 O O2    . DT  A 1 7  ? -2.558  -8.110  0.173   1.00 41.78 ? 7   DT  A O2    1 
ATOM   128 N N3    . DT  A 1 7  ? -2.984  -6.555  1.768   1.00 37.79 ? 7   DT  A N3    1 
ATOM   129 C C4    . DT  A 1 7  ? -3.788  -5.702  2.480   1.00 39.62 ? 7   DT  A C4    1 
ATOM   130 O O4    . DT  A 1 7  ? -3.294  -4.974  3.347   1.00 40.58 ? 7   DT  A O4    1 
ATOM   131 C C5    . DT  A 1 7  ? -5.198  -5.736  2.119   1.00 41.37 ? 7   DT  A C5    1 
ATOM   132 C C7    . DT  A 1 7  ? -6.152  -4.825  2.828   1.00 39.01 ? 7   DT  A C7    1 
ATOM   133 C C6    . DT  A 1 7  ? -5.583  -6.586  1.157   1.00 41.28 ? 7   DT  A C6    1 
ATOM   134 P P     . DT  A 1 8  ? -7.607  -11.918 1.713   1.00 51.09 ? 8   DT  A P     1 
ATOM   135 O OP1   . DT  A 1 8  ? -8.531  -13.043 1.408   1.00 50.75 ? 8   DT  A OP1   1 
ATOM   136 O OP2   . DT  A 1 8  ? -7.942  -10.956 2.814   1.00 45.81 ? 8   DT  A OP2   1 
ATOM   137 O "O5'" . DT  A 1 8  ? -6.148  -12.529 1.949   1.00 49.29 ? 8   DT  A "O5'" 1 
ATOM   138 C "C5'" . DT  A 1 8  ? -5.556  -13.371 0.970   1.00 47.19 ? 8   DT  A "C5'" 1 
ATOM   139 C "C4'" . DT  A 1 8  ? -4.103  -13.586 1.300   1.00 48.76 ? 8   DT  A "C4'" 1 
ATOM   140 O "O4'" . DT  A 1 8  ? -3.509  -12.293 1.463   1.00 49.03 ? 8   DT  A "O4'" 1 
ATOM   141 C "C3'" . DT  A 1 8  ? -3.832  -14.316 2.613   1.00 49.30 ? 8   DT  A "C3'" 1 
ATOM   142 O "O3'" . DT  A 1 8  ? -3.654  -15.706 2.308   1.00 52.31 ? 8   DT  A "O3'" 1 
ATOM   143 C "C2'" . DT  A 1 8  ? -2.505  -13.736 3.064   1.00 47.87 ? 8   DT  A "C2'" 1 
ATOM   144 C "C1'" . DT  A 1 8  ? -2.451  -12.368 2.404   1.00 47.13 ? 8   DT  A "C1'" 1 
ATOM   145 N N1    . DT  A 1 8  ? -2.546  -11.200 3.281   1.00 43.96 ? 8   DT  A N1    1 
ATOM   146 C C2    . DT  A 1 8  ? -1.394  -10.786 3.882   1.00 42.98 ? 8   DT  A C2    1 
ATOM   147 O O2    . DT  A 1 8  ? -0.349  -11.402 3.791   1.00 43.22 ? 8   DT  A O2    1 
ATOM   148 N N3    . DT  A 1 8  ? -1.506  -9.621  4.595   1.00 42.10 ? 8   DT  A N3    1 
ATOM   149 C C4    . DT  A 1 8  ? -2.642  -8.860  4.769   1.00 41.63 ? 8   DT  A C4    1 
ATOM   150 O O4    . DT  A 1 8  ? -2.588  -7.810  5.405   1.00 40.59 ? 8   DT  A O4    1 
ATOM   151 C C5    . DT  A 1 8  ? -3.836  -9.387  4.149   1.00 42.07 ? 8   DT  A C5    1 
ATOM   152 C C7    . DT  A 1 8  ? -5.125  -8.644  4.312   1.00 39.96 ? 8   DT  A C7    1 
ATOM   153 C C6    . DT  A 1 8  ? -3.731  -10.525 3.448   1.00 42.64 ? 8   DT  A C6    1 
ATOM   154 P P     . DC  A 1 9  ? -3.442  -16.772 3.493   1.00 54.45 ? 9   DC  A P     1 
ATOM   155 O OP1   . DC  A 1 9  ? -3.142  -18.124 2.919   1.00 53.69 ? 9   DC  A OP1   1 
ATOM   156 O OP2   . DC  A 1 9  ? -4.632  -16.575 4.361   1.00 53.53 ? 9   DC  A OP2   1 
ATOM   157 O "O5'" . DC  A 1 9  ? -2.145  -16.269 4.281   1.00 54.25 ? 9   DC  A "O5'" 1 
ATOM   158 C "C5'" . DC  A 1 9  ? -0.826  -16.596 3.839   1.00 53.48 ? 9   DC  A "C5'" 1 
ATOM   159 C "C4'" . DC  A 1 9  ? 0.195   -16.090 4.835   1.00 53.16 ? 9   DC  A "C4'" 1 
ATOM   160 O "O4'" . DC  A 1 9  ? 0.114   -14.658 4.924   1.00 54.31 ? 9   DC  A "O4'" 1 
ATOM   161 C "C3'" . DC  A 1 9  ? -0.001  -16.568 6.269   1.00 52.69 ? 9   DC  A "C3'" 1 
ATOM   162 O "O3'" . DC  A 1 9  ? 0.750   -17.764 6.401   1.00 53.58 ? 9   DC  A "O3'" 1 
ATOM   163 C "C2'" . DC  A 1 9  ? 0.661   -15.482 7.092   1.00 52.94 ? 9   DC  A "C2'" 1 
ATOM   164 C "C1'" . DC  A 1 9  ? 0.558   -14.242 6.212   1.00 52.02 ? 9   DC  A "C1'" 1 
ATOM   165 N N1    . DC  A 1 9  ? -0.345  -13.191 6.691   1.00 51.19 ? 9   DC  A N1    1 
ATOM   166 C C2    . DC  A 1 9  ? 0.197   -12.170 7.472   1.00 49.41 ? 9   DC  A C2    1 
ATOM   167 O O2    . DC  A 1 9  ? 1.397   -12.222 7.758   1.00 49.80 ? 9   DC  A O2    1 
ATOM   168 N N3    . DC  A 1 9  ? -0.593  -11.155 7.888   1.00 49.16 ? 9   DC  A N3    1 
ATOM   169 C C4    . DC  A 1 9  ? -1.882  -11.134 7.543   1.00 49.30 ? 9   DC  A C4    1 
ATOM   170 N N4    . DC  A 1 9  ? -2.606  -10.080 7.927   1.00 47.78 ? 9   DC  A N4    1 
ATOM   171 C C5    . DC  A 1 9  ? -2.478  -12.186 6.775   1.00 50.21 ? 9   DC  A C5    1 
ATOM   172 C C6    . DC  A 1 9  ? -1.677  -13.189 6.373   1.00 50.54 ? 9   DC  A C6    1 
ATOM   173 O "O5'" . G   B 2 1  ? 3.496   -3.221  13.075  1.00 63.29 ? 10  G   B "O5'" 1 
ATOM   174 C "C5'" . G   B 2 1  ? 4.583   -3.719  13.881  1.00 60.19 ? 10  G   B "C5'" 1 
ATOM   175 C "C4'" . G   B 2 1  ? 5.043   -5.081  13.425  1.00 58.43 ? 10  G   B "C4'" 1 
ATOM   176 O "O4'" . G   B 2 1  ? 4.035   -6.078  13.747  1.00 56.50 ? 10  G   B "O4'" 1 
ATOM   177 C "C3'" . G   B 2 1  ? 5.236   -5.214  11.926  1.00 57.87 ? 10  G   B "C3'" 1 
ATOM   178 O "O3'" . G   B 2 1  ? 6.514   -4.740  11.546  1.00 58.61 ? 10  G   B "O3'" 1 
ATOM   179 C "C2'" . G   B 2 1  ? 5.094   -6.715  11.720  1.00 56.95 ? 10  G   B "C2'" 1 
ATOM   180 O "O2'" . G   B 2 1  ? 6.266   -7.448  12.038  1.00 58.56 ? 10  G   B "O2'" 1 
ATOM   181 C "C1'" . G   B 2 1  ? 3.976   -7.044  12.711  1.00 54.64 ? 10  G   B "C1'" 1 
ATOM   182 N N9    . G   B 2 1  ? 2.663   -6.974  12.073  1.00 51.42 ? 10  G   B N9    1 
ATOM   183 C C8    . G   B 2 1  ? 1.727   -5.976  12.169  1.00 50.44 ? 10  G   B C8    1 
ATOM   184 N N7    . G   B 2 1  ? 0.673   -6.193  11.429  1.00 49.26 ? 10  G   B N7    1 
ATOM   185 C C5    . G   B 2 1  ? 0.932   -7.412  10.818  1.00 47.88 ? 10  G   B C5    1 
ATOM   186 C C6    . G   B 2 1  ? 0.170   -8.156  9.887   1.00 47.31 ? 10  G   B C6    1 
ATOM   187 O O6    . G   B 2 1  ? -0.930  -7.881  9.389   1.00 48.04 ? 10  G   B O6    1 
ATOM   188 N N1    . G   B 2 1  ? 0.812   -9.335  9.532   1.00 45.45 ? 10  G   B N1    1 
ATOM   189 C C2    . G   B 2 1  ? 2.030   -9.741  10.006  1.00 46.70 ? 10  G   B C2    1 
ATOM   190 N N2    . G   B 2 1  ? 2.500   -10.915 9.548   1.00 48.12 ? 10  G   B N2    1 
ATOM   191 N N3    . G   B 2 1  ? 2.745   -9.056  10.863  1.00 48.09 ? 10  G   B N3    1 
ATOM   192 C C4    . G   B 2 1  ? 2.144   -7.910  11.222  1.00 48.72 ? 10  G   B C4    1 
ATOM   193 P P     . A   B 2 2  ? 6.829   -4.447  10.000  1.00 61.46 ? 11  A   B P     1 
ATOM   194 O OP1   . A   B 2 2  ? 8.263   -4.025  9.928   1.00 62.02 ? 11  A   B OP1   1 
ATOM   195 O OP2   . A   B 2 2  ? 5.760   -3.570  9.422   1.00 60.55 ? 11  A   B OP2   1 
ATOM   196 O "O5'" . A   B 2 2  ? 6.721   -5.874  9.299   1.00 60.25 ? 11  A   B "O5'" 1 
ATOM   197 C "C5'" . A   B 2 2  ? 7.774   -6.822  9.422   1.00 57.50 ? 11  A   B "C5'" 1 
ATOM   198 C "C4'" . A   B 2 2  ? 7.479   -8.019  8.565   1.00 55.71 ? 11  A   B "C4'" 1 
ATOM   199 O "O4'" . A   B 2 2  ? 6.195   -8.557  8.975   1.00 52.33 ? 11  A   B "O4'" 1 
ATOM   200 C "C3'" . A   B 2 2  ? 7.277   -7.730  7.086   1.00 56.54 ? 11  A   B "C3'" 1 
ATOM   201 O "O3'" . A   B 2 2  ? 8.501   -7.624  6.360   1.00 60.05 ? 11  A   B "O3'" 1 
ATOM   202 C "C2'" . A   B 2 2  ? 6.452   -8.933  6.650   1.00 53.81 ? 11  A   B "C2'" 1 
ATOM   203 O "O2'" . A   B 2 2  ? 7.205   -10.117 6.473   1.00 52.14 ? 11  A   B "O2'" 1 
ATOM   204 C "C1'" . A   B 2 2  ? 5.520   -9.085  7.849   1.00 50.26 ? 11  A   B "C1'" 1 
ATOM   205 N N9    . A   B 2 2  ? 4.299   -8.317  7.646   1.00 44.99 ? 11  A   B N9    1 
ATOM   206 C C8    . A   B 2 2  ? 3.978   -7.076  8.120   1.00 42.02 ? 11  A   B C8    1 
ATOM   207 N N7    . A   B 2 2  ? 2.800   -6.659  7.741   1.00 41.01 ? 11  A   B N7    1 
ATOM   208 C C5    . A   B 2 2  ? 2.308   -7.709  6.971   1.00 39.48 ? 11  A   B C5    1 
ATOM   209 C C6    . A   B 2 2  ? 1.086   -7.895  6.286   1.00 37.22 ? 11  A   B C6    1 
ATOM   210 N N6    . A   B 2 2  ? 0.098   -7.023  6.302   1.00 36.15 ? 11  A   B N6    1 
ATOM   211 N N1    . A   B 2 2  ? 0.917   -9.035  5.595   1.00 38.02 ? 11  A   B N1    1 
ATOM   212 C C2    . A   B 2 2  ? 1.910   -9.947  5.621   1.00 41.12 ? 11  A   B C2    1 
ATOM   213 N N3    . A   B 2 2  ? 3.092   -9.893  6.249   1.00 39.43 ? 11  A   B N3    1 
ATOM   214 C C4    . A   B 2 2  ? 3.224   -8.730  6.907   1.00 40.02 ? 11  A   B C4    1 
ATOM   215 P P     . A   B 2 3  ? 8.503   -6.919  4.906   1.00 63.37 ? 12  A   B P     1 
ATOM   216 O OP1   . A   B 2 3  ? 9.913   -6.626  4.533   1.00 62.69 ? 12  A   B OP1   1 
ATOM   217 O OP2   . A   B 2 3  ? 7.477   -5.819  4.895   1.00 61.72 ? 12  A   B OP2   1 
ATOM   218 O "O5'" . A   B 2 3  ? 7.983   -8.059  3.923   1.00 62.49 ? 12  A   B "O5'" 1 
ATOM   219 C "C5'" . A   B 2 3  ? 7.341   -7.725  2.705   1.00 58.21 ? 12  A   B "C5'" 1 
ATOM   220 C "C4'" . A   B 2 3  ? 6.345   -8.787  2.337   1.00 56.15 ? 12  A   B "C4'" 1 
ATOM   221 O "O4'" . A   B 2 3  ? 5.333   -8.924  3.375   1.00 54.79 ? 12  A   B "O4'" 1 
ATOM   222 C "C3'" . A   B 2 3  ? 5.545   -8.426  1.109   1.00 56.57 ? 12  A   B "C3'" 1 
ATOM   223 O "O3'" . A   B 2 3  ? 6.303   -8.746  -0.035  1.00 58.85 ? 12  A   B "O3'" 1 
ATOM   224 C "C2'" . A   B 2 3  ? 4.289   -9.264  1.272   1.00 53.79 ? 12  A   B "C2'" 1 
ATOM   225 O "O2'" . A   B 2 3  ? 4.487   -10.616 0.901   1.00 53.07 ? 12  A   B "O2'" 1 
ATOM   226 C "C1'" . A   B 2 3  ? 4.059   -9.137  2.778   1.00 51.38 ? 12  A   B "C1'" 1 
ATOM   227 N N9    . A   B 2 3  ? 3.219   -7.988  3.116   1.00 47.72 ? 12  A   B N9    1 
ATOM   228 C C8    . A   B 2 3  ? 3.561   -6.894  3.861   1.00 46.41 ? 12  A   B C8    1 
ATOM   229 N N7    . A   B 2 3  ? 2.585   -6.035  4.009   1.00 45.13 ? 12  A   B N7    1 
ATOM   230 C C5    . A   B 2 3  ? 1.541   -6.599  3.304   1.00 43.96 ? 12  A   B C5    1 
ATOM   231 C C6    . A   B 2 3  ? 0.216   -6.174  3.070   1.00 44.51 ? 12  A   B C6    1 
ATOM   232 N N6    . A   B 2 3  ? -0.301  -5.038  3.551   1.00 40.67 ? 12  A   B N6    1 
ATOM   233 N N1    . A   B 2 3  ? -0.570  -6.973  2.321   1.00 44.75 ? 12  A   B N1    1 
ATOM   234 C C2    . A   B 2 3  ? -0.056  -8.119  1.855   1.00 45.37 ? 12  A   B C2    1 
ATOM   235 N N3    . A   B 2 3  ? 1.168   -8.621  2.015   1.00 44.41 ? 12  A   B N3    1 
ATOM   236 C C4    . A   B 2 3  ? 1.917   -7.802  2.752   1.00 43.14 ? 12  A   B C4    1 
ATOM   237 P P     . G   B 2 4  ? 6.600   -7.608  -1.115  1.00 58.59 ? 13  G   B P     1 
ATOM   238 O OP1   . G   B 2 4  ? 7.929   -7.945  -1.686  1.00 59.81 ? 13  G   B OP1   1 
ATOM   239 O OP2   . G   B 2 4  ? 6.391   -6.295  -0.450  1.00 59.05 ? 13  G   B OP2   1 
ATOM   240 O "O5'" . G   B 2 4  ? 5.465   -7.846  -2.200  1.00 55.62 ? 13  G   B "O5'" 1 
ATOM   241 C "C5'" . G   B 2 4  ? 5.317   -9.136  -2.771  1.00 55.33 ? 13  G   B "C5'" 1 
ATOM   242 C "C4'" . G   B 2 4  ? 3.927   -9.330  -3.316  1.00 55.17 ? 13  G   B "C4'" 1 
ATOM   243 O "O4'" . G   B 2 4  ? 2.939   -9.425  -2.247  1.00 53.71 ? 13  G   B "O4'" 1 
ATOM   244 C "C3'" . G   B 2 4  ? 3.409   -8.182  -4.152  1.00 56.77 ? 13  G   B "C3'" 1 
ATOM   245 O "O3'" . G   B 2 4  ? 4.039   -8.141  -5.424  1.00 56.94 ? 13  G   B "O3'" 1 
ATOM   246 C "C2'" . G   B 2 4  ? 1.916   -8.487  -4.162  1.00 54.57 ? 13  G   B "C2'" 1 
ATOM   247 O "O2'" . G   B 2 4  ? 1.608   -9.607  -4.982  1.00 55.36 ? 13  G   B "O2'" 1 
ATOM   248 C "C1'" . G   B 2 4  ? 1.710   -8.850  -2.688  1.00 52.08 ? 13  G   B "C1'" 1 
ATOM   249 N N9    . G   B 2 4  ? 1.421   -7.680  -1.858  1.00 48.56 ? 13  G   B N9    1 
ATOM   250 C C8    . G   B 2 4  ? 2.243   -7.066  -0.933  1.00 46.96 ? 13  G   B C8    1 
ATOM   251 N N7    . G   B 2 4  ? 1.678   -6.041  -0.342  1.00 45.29 ? 13  G   B N7    1 
ATOM   252 C C5    . G   B 2 4  ? 0.410   -5.968  -0.918  1.00 44.14 ? 13  G   B C5    1 
ATOM   253 C C6    . G   B 2 4  ? -0.670  -5.054  -0.692  1.00 41.53 ? 13  G   B C6    1 
ATOM   254 O O6    . G   B 2 4  ? -0.725  -4.090  0.082   1.00 41.58 ? 13  G   B O6    1 
ATOM   255 N N1    . G   B 2 4  ? -1.767  -5.351  -1.493  1.00 39.21 ? 13  G   B N1    1 
ATOM   256 C C2    . G   B 2 4  ? -1.831  -6.378  -2.402  1.00 42.54 ? 13  G   B C2    1 
ATOM   257 N N2    . G   B 2 4  ? -2.977  -6.490  -3.106  1.00 41.55 ? 13  G   B N2    1 
ATOM   258 N N3    . G   B 2 4  ? -0.842  -7.237  -2.619  1.00 44.87 ? 13  G   B N3    1 
ATOM   259 C C4    . G   B 2 4  ? 0.240   -6.973  -1.853  1.00 46.32 ? 13  G   B C4    1 
ATOM   260 P P     . A   B 2 5  ? 4.604   -6.732  -5.974  1.00 59.65 ? 14  A   B P     1 
ATOM   261 O OP1   . A   B 2 5  ? 5.192   -7.072  -7.311  1.00 61.05 ? 14  A   B OP1   1 
ATOM   262 O OP2   . A   B 2 5  ? 5.433   -6.020  -4.934  1.00 55.72 ? 14  A   B OP2   1 
ATOM   263 O "O5'" . A   B 2 5  ? 3.282   -5.873  -6.234  1.00 55.18 ? 14  A   B "O5'" 1 
ATOM   264 C "C5'" . A   B 2 5  ? 2.361   -6.317  -7.210  1.00 49.68 ? 14  A   B "C5'" 1 
ATOM   265 C "C4'" . A   B 2 5  ? 1.074   -5.558  -7.120  1.00 47.11 ? 14  A   B "C4'" 1 
ATOM   266 O "O4'" . A   B 2 5  ? 0.480   -5.709  -5.808  1.00 45.02 ? 14  A   B "O4'" 1 
ATOM   267 C "C3'" . A   B 2 5  ? 1.109   -4.054  -7.255  1.00 45.61 ? 14  A   B "C3'" 1 
ATOM   268 O "O3'" . A   B 2 5  ? 1.340   -3.663  -8.593  1.00 46.42 ? 14  A   B "O3'" 1 
ATOM   269 C "C2'" . A   B 2 5  ? -0.314  -3.748  -6.820  1.00 45.37 ? 14  A   B "C2'" 1 
ATOM   270 O "O2'" . A   B 2 5  ? -1.241  -4.273  -7.759  1.00 44.46 ? 14  A   B "O2'" 1 
ATOM   271 C "C1'" . A   B 2 5  ? -0.398  -4.611  -5.565  1.00 41.47 ? 14  A   B "C1'" 1 
ATOM   272 N N9    . A   B 2 5  ? 0.084   -3.879  -4.398  1.00 36.76 ? 14  A   B N9    1 
ATOM   273 C C8    . A   B 2 5  ? 1.320   -3.964  -3.793  1.00 35.34 ? 14  A   B C8    1 
ATOM   274 N N7    . A   B 2 5  ? 1.460   -3.161  -2.761  1.00 34.54 ? 14  A   B N7    1 
ATOM   275 C C5    . A   B 2 5  ? 0.238   -2.503  -2.679  1.00 32.73 ? 14  A   B C5    1 
ATOM   276 C C6    . A   B 2 5  ? -0.256  -1.522  -1.806  1.00 31.90 ? 14  A   B C6    1 
ATOM   277 N N6    . A   B 2 5  ? 0.444   -1.020  -0.789  1.00 31.09 ? 14  A   B N6    1 
ATOM   278 N N1    . A   B 2 5  ? -1.526  -1.069  -2.013  1.00 30.77 ? 14  A   B N1    1 
ATOM   279 C C2    . A   B 2 5  ? -2.231  -1.597  -3.015  1.00 26.29 ? 14  A   B C2    1 
ATOM   280 N N3    . A   B 2 5  ? -1.881  -2.523  -3.897  1.00 29.32 ? 14  A   B N3    1 
ATOM   281 C C4    . A   B 2 5  ? -0.622  -2.938  -3.682  1.00 34.75 ? 14  A   B C4    1 
ATOM   282 P P     . G   B 2 6  ? 2.107   -2.282  -8.893  1.00 46.80 ? 15  G   B P     1 
ATOM   283 O OP1   . G   B 2 6  ? 2.573   -2.402  -10.300 1.00 47.04 ? 15  G   B OP1   1 
ATOM   284 O OP2   . G   B 2 6  ? 3.086   -2.004  -7.812  1.00 41.84 ? 15  G   B OP2   1 
ATOM   285 O "O5'" . G   B 2 6  ? 0.946   -1.185  -8.818  1.00 43.82 ? 15  G   B "O5'" 1 
ATOM   286 C "C5'" . G   B 2 6  ? -0.268  -1.376  -9.539  1.00 42.61 ? 15  G   B "C5'" 1 
ATOM   287 C "C4'" . G   B 2 6  ? -1.330  -0.409  -9.065  1.00 43.36 ? 15  G   B "C4'" 1 
ATOM   288 O "O4'" . G   B 2 6  ? -1.681  -0.671  -7.684  1.00 41.06 ? 15  G   B "O4'" 1 
ATOM   289 C "C3'" . G   B 2 6  ? -0.945  1.057   -9.079  1.00 44.16 ? 15  G   B "C3'" 1 
ATOM   290 O "O3'" . G   B 2 6  ? -1.149  1.577   -10.387 1.00 47.24 ? 15  G   B "O3'" 1 
ATOM   291 C "C2'" . G   B 2 6  ? -1.949  1.649   -8.099  1.00 41.99 ? 15  G   B "C2'" 1 
ATOM   292 O "O2'" . G   B 2 6  ? -3.212  1.824   -8.716  1.00 40.56 ? 15  G   B "O2'" 1 
ATOM   293 C "C1'" . G   B 2 6  ? -2.033  0.540   -7.045  1.00 39.64 ? 15  G   B "C1'" 1 
ATOM   294 N N9    . G   B 2 6  ? -1.117  0.733   -5.932  1.00 38.36 ? 15  G   B N9    1 
ATOM   295 C C8    . G   B 2 6  ? 0.170   0.258   -5.830  1.00 36.84 ? 15  G   B C8    1 
ATOM   296 N N7    . G   B 2 6  ? 0.764   0.623   -4.724  1.00 36.41 ? 15  G   B N7    1 
ATOM   297 C C5    . G   B 2 6  ? -0.196  1.369   -4.045  1.00 35.88 ? 15  G   B C5    1 
ATOM   298 C C6    . G   B 2 6  ? -0.129  2.037   -2.796  1.00 36.20 ? 15  G   B C6    1 
ATOM   299 O O6    . G   B 2 6  ? 0.820   2.091   -2.002  1.00 39.54 ? 15  G   B O6    1 
ATOM   300 N N1    . G   B 2 6  ? -1.317  2.702   -2.499  1.00 35.14 ? 15  G   B N1    1 
ATOM   301 C C2    . G   B 2 6  ? -2.430  2.714   -3.307  1.00 36.98 ? 15  G   B C2    1 
ATOM   302 N N2    . G   B 2 6  ? -3.485  3.412   -2.870  1.00 37.00 ? 15  G   B N2    1 
ATOM   303 N N3    . G   B 2 6  ? -2.508  2.085   -4.470  1.00 38.04 ? 15  G   B N3    1 
ATOM   304 C C4    . G   B 2 6  ? -1.362  1.443   -4.777  1.00 37.91 ? 15  G   B C4    1 
ATOM   305 P P     . A   B 2 7  ? 0.115   2.003   -11.281 1.00 49.14 ? 16  A   B P     1 
ATOM   306 O OP1   . A   B 2 7  ? 0.483   0.789   -12.073 1.00 48.97 ? 16  A   B OP1   1 
ATOM   307 O OP2   . A   B 2 7  ? 1.134   2.672   -10.421 1.00 44.39 ? 16  A   B OP2   1 
ATOM   308 O "O5'" . A   B 2 7  ? -0.494  3.071   -12.300 1.00 45.69 ? 16  A   B "O5'" 1 
ATOM   309 C "C5'" . A   B 2 7  ? -0.481  4.458   -12.018 1.00 43.04 ? 16  A   B "C5'" 1 
ATOM   310 C "C4'" . A   B 2 7  ? -1.440  5.158   -12.947 1.00 42.59 ? 16  A   B "C4'" 1 
ATOM   311 O "O4'" . A   B 2 7  ? -1.036  4.894   -14.315 1.00 41.49 ? 16  A   B "O4'" 1 
ATOM   312 C "C3'" . A   B 2 7  ? -2.857  4.614   -12.879 1.00 44.38 ? 16  A   B "C3'" 1 
ATOM   313 O "O3'" . A   B 2 7  ? -3.582  5.252   -11.839 1.00 45.10 ? 16  A   B "O3'" 1 
ATOM   314 C "C2'" . A   B 2 7  ? -3.397  4.955   -14.265 1.00 43.21 ? 16  A   B "C2'" 1 
ATOM   315 O "O2'" . A   B 2 7  ? -3.717  6.317   -14.445 1.00 43.61 ? 16  A   B "O2'" 1 
ATOM   316 C "C1'" . A   B 2 7  ? -2.178  4.641   -15.121 1.00 42.83 ? 16  A   B "C1'" 1 
ATOM   317 N N9    . A   B 2 7  ? -2.169  3.232   -15.498 1.00 43.12 ? 16  A   B N9    1 
ATOM   318 C C8    . A   B 2 7  ? -1.449  2.202   -14.947 1.00 41.84 ? 16  A   B C8    1 
ATOM   319 N N7    . A   B 2 7  ? -1.714  1.034   -15.474 1.00 42.80 ? 16  A   B N7    1 
ATOM   320 C C5    . A   B 2 7  ? -2.661  1.313   -16.453 1.00 44.42 ? 16  A   B C5    1 
ATOM   321 C C6    . A   B 2 7  ? -3.348  0.497   -17.380 1.00 46.39 ? 16  A   B C6    1 
ATOM   322 N N6    . A   B 2 7  ? -3.178  -0.819  -17.482 1.00 46.68 ? 16  A   B N6    1 
ATOM   323 N N1    . A   B 2 7  ? -4.222  1.093   -18.217 1.00 46.29 ? 16  A   B N1    1 
ATOM   324 C C2    . A   B 2 7  ? -4.378  2.420   -18.136 1.00 46.98 ? 16  A   B C2    1 
ATOM   325 N N3    . A   B 2 7  ? -3.788  3.292   -17.317 1.00 45.49 ? 16  A   B N3    1 
ATOM   326 C C4    . A   B 2 7  ? -2.937  2.664   -16.487 1.00 43.89 ? 16  A   B C4    1 
ATOM   327 P P     . G   B 2 8  ? -4.279  4.376   -10.687 1.00 45.40 ? 17  G   B P     1 
ATOM   328 O OP1   . G   B 2 8  ? -4.366  2.944   -11.069 1.00 45.64 ? 17  G   B OP1   1 
ATOM   329 O OP2   . G   B 2 8  ? -5.523  5.133   -10.347 1.00 46.50 ? 17  G   B OP2   1 
ATOM   330 O "O5'" . G   B 2 8  ? -3.258  4.480   -9.478  1.00 42.95 ? 17  G   B "O5'" 1 
ATOM   331 C "C5'" . G   B 2 8  ? -2.736  5.739   -9.098  1.00 41.93 ? 17  G   B "C5'" 1 
ATOM   332 C "C4'" . G   B 2 8  ? -3.391  6.189   -7.834  1.00 40.72 ? 17  G   B "C4'" 1 
ATOM   333 O "O4'" . G   B 2 8  ? -3.155  5.199   -6.810  1.00 41.32 ? 17  G   B "O4'" 1 
ATOM   334 C "C3'" . G   B 2 8  ? -2.813  7.428   -7.214  1.00 42.64 ? 17  G   B "C3'" 1 
ATOM   335 O "O3'" . G   B 2 8  ? -3.301  8.556   -7.897  1.00 46.50 ? 17  G   B "O3'" 1 
ATOM   336 C "C2'" . G   B 2 8  ? -3.342  7.313   -5.802  1.00 41.95 ? 17  G   B "C2'" 1 
ATOM   337 O "O2'" . G   B 2 8  ? -4.724  7.574   -5.730  1.00 45.44 ? 17  G   B "O2'" 1 
ATOM   338 C "C1'" . G   B 2 8  ? -3.128  5.824   -5.554  1.00 40.12 ? 17  G   B "C1'" 1 
ATOM   339 N N9    . G   B 2 8  ? -1.824  5.584   -4.959  1.00 39.05 ? 17  G   B N9    1 
ATOM   340 C C8    . G   B 2 8  ? -0.765  4.861   -5.462  1.00 35.78 ? 17  G   B C8    1 
ATOM   341 N N7    . G   B 2 8  ? 0.274   4.860   -4.665  1.00 35.02 ? 17  G   B N7    1 
ATOM   342 C C5    . G   B 2 8  ? -0.134  5.619   -3.572  1.00 35.09 ? 17  G   B C5    1 
ATOM   343 C C6    . G   B 2 8  ? 0.557   5.966   -2.386  1.00 35.34 ? 17  G   B C6    1 
ATOM   344 O O6    . G   B 2 8  ? 1.704   5.637   -2.046  1.00 38.59 ? 17  G   B O6    1 
ATOM   345 N N1    . G   B 2 8  ? -0.222  6.780   -1.554  1.00 34.21 ? 17  G   B N1    1 
ATOM   346 C C2    . G   B 2 8  ? -1.512  7.204   -1.850  1.00 37.14 ? 17  G   B C2    1 
ATOM   347 N N2    . G   B 2 8  ? -2.110  8.022   -0.972  1.00 38.23 ? 17  G   B N2    1 
ATOM   348 N N3    . G   B 2 8  ? -2.169  6.858   -2.943  1.00 35.41 ? 17  G   B N3    1 
ATOM   349 C C4    . G   B 2 8  ? -1.424  6.077   -3.750  1.00 36.68 ? 17  G   B C4    1 
ATOM   350 P P     . A   B 2 9  ? -2.300  9.758   -8.221  1.00 45.39 ? 18  A   B P     1 
ATOM   351 O OP1   . A   B 2 9  ? -2.968  10.610  -9.239  1.00 48.11 ? 18  A   B OP1   1 
ATOM   352 O OP2   . A   B 2 9  ? -0.971  9.160   -8.506  1.00 50.32 ? 18  A   B OP2   1 
ATOM   353 O "O5'" . A   B 2 9  ? -2.229  10.549  -6.844  1.00 46.44 ? 18  A   B "O5'" 1 
ATOM   354 C "C5'" . A   B 2 9  ? -3.390  11.217  -6.389  1.00 47.58 ? 18  A   B "C5'" 1 
ATOM   355 C "C4'" . A   B 2 9  ? -3.202  11.750  -5.005  1.00 45.91 ? 18  A   B "C4'" 1 
ATOM   356 O "O4'" . A   B 2 9  ? -2.959  10.653  -4.093  1.00 44.17 ? 18  A   B "O4'" 1 
ATOM   357 C "C3'" . A   B 2 9  ? -2.020  12.671  -4.796  1.00 47.39 ? 18  A   B "C3'" 1 
ATOM   358 O "O3'" . A   B 2 9  ? -2.292  13.989  -5.276  1.00 47.80 ? 18  A   B "O3'" 1 
ATOM   359 C "C2'" . A   B 2 9  ? -1.878  12.601  -3.283  1.00 46.12 ? 18  A   B "C2'" 1 
ATOM   360 O "O2'" . A   B 2 9  ? -2.818  13.400  -2.588  1.00 49.19 ? 18  A   B "O2'" 1 
ATOM   361 C "C1'" . A   B 2 9  ? -2.139  11.108  -3.042  1.00 44.36 ? 18  A   B "C1'" 1 
ATOM   362 N N9    . A   B 2 9  ? -0.877  10.399  -3.133  1.00 42.08 ? 18  A   B N9    1 
ATOM   363 C C8    . A   B 2 9  ? -0.360  9.660   -4.170  1.00 40.96 ? 18  A   B C8    1 
ATOM   364 N N7    . A   B 2 9  ? 0.859   9.225   -3.947  1.00 41.26 ? 18  A   B N7    1 
ATOM   365 C C5    . A   B 2 9  ? 1.147   9.694   -2.665  1.00 41.21 ? 18  A   B C5    1 
ATOM   366 C C6    . A   B 2 9  ? 2.288   9.587   -1.846  1.00 40.32 ? 18  A   B C6    1 
ATOM   367 N N6    . A   B 2 9  ? 3.394   8.921   -2.200  1.00 41.18 ? 18  A   B N6    1 
ATOM   368 N N1    . A   B 2 9  ? 2.251   10.198  -0.634  1.00 39.23 ? 18  A   B N1    1 
ATOM   369 C C2    . A   B 2 9  ? 1.136   10.857  -0.277  1.00 40.09 ? 18  A   B C2    1 
ATOM   370 N N3    . A   B 2 9  ? -0.001  11.015  -0.955  1.00 40.55 ? 18  A   B N3    1 
ATOM   371 C C4    . A   B 2 9  ? 0.077   10.407  -2.153  1.00 40.95 ? 18  A   B C4    1 
ATOM   372 P P     . G   B 2 10 ? -1.123  14.837  -5.988  1.00 47.68 ? 19  G   B P     1 
ATOM   373 O OP1   . G   B 2 10 ? -1.787  15.935  -6.747  1.00 50.72 ? 19  G   B OP1   1 
ATOM   374 O OP2   . G   B 2 10 ? -0.152  13.944  -6.681  1.00 49.43 ? 19  G   B OP2   1 
ATOM   375 O "O5'" . G   B 2 10 ? -0.325  15.464  -4.767  1.00 48.49 ? 19  G   B "O5'" 1 
ATOM   376 C "C5'" . G   B 2 10 ? -0.986  16.284  -3.828  1.00 46.35 ? 19  G   B "C5'" 1 
ATOM   377 C "C4'" . G   B 2 10 ? -0.178  16.354  -2.580  1.00 45.43 ? 19  G   B "C4'" 1 
ATOM   378 O "O4'" . G   B 2 10 ? 0.001   15.012  -2.062  1.00 44.25 ? 19  G   B "O4'" 1 
ATOM   379 C "C3'" . G   B 2 10 ? 1.260   16.797  -2.769  1.00 46.01 ? 19  G   B "C3'" 1 
ATOM   380 O "O3'" . G   B 2 10 ? 1.468   18.184  -3.011  1.00 47.39 ? 19  G   B "O3'" 1 
ATOM   381 C "C2'" . G   B 2 10 ? 1.867   16.343  -1.456  1.00 44.86 ? 19  G   B "C2'" 1 
ATOM   382 O "O2'" . G   B 2 10 ? 1.532   17.219  -0.399  1.00 46.09 ? 19  G   B "O2'" 1 
ATOM   383 C "C1'" . G   B 2 10 ? 1.185   14.982  -1.282  1.00 42.66 ? 19  G   B "C1'" 1 
ATOM   384 N N9    . G   B 2 10 ? 2.087   13.983  -1.829  1.00 41.29 ? 19  G   B N9    1 
ATOM   385 C C8    . G   B 2 10 ? 2.085   13.423  -3.084  1.00 40.20 ? 19  G   B C8    1 
ATOM   386 N N7    . G   B 2 10 ? 3.124   12.654  -3.298  1.00 37.03 ? 19  G   B N7    1 
ATOM   387 C C5    . G   B 2 10 ? 3.826   12.693  -2.106  1.00 38.06 ? 19  G   B C5    1 
ATOM   388 C C6    . G   B 2 10 ? 5.041   12.069  -1.738  1.00 37.65 ? 19  G   B C6    1 
ATOM   389 O O6    . G   B 2 10 ? 5.775   11.340  -2.423  1.00 37.86 ? 19  G   B O6    1 
ATOM   390 N N1    . G   B 2 10 ? 5.386   12.368  -0.421  1.00 37.36 ? 19  G   B N1    1 
ATOM   391 C C2    . G   B 2 10 ? 4.652   13.160  0.430   1.00 37.81 ? 19  G   B C2    1 
ATOM   392 N N2    . G   B 2 10 ? 5.145   13.316  1.659   1.00 36.81 ? 19  G   B N2    1 
ATOM   393 N N3    . G   B 2 10 ? 3.517   13.752  0.095   1.00 36.37 ? 19  G   B N3    1 
ATOM   394 C C4    . G   B 2 10 ? 3.174   13.480  -1.178  1.00 39.04 ? 19  G   B C4    1 
HETATM 395 O O     . HOH C 3 .  ? -8.057  1.390   -6.012  1.00 56.46 ? 103 HOH A O     1 
HETATM 396 O O     . HOH C 3 .  ? -10.173 -1.590  6.665   1.00 66.41 ? 106 HOH A O     1 
HETATM 397 O O     . HOH C 3 .  ? -11.832 4.165   5.343   1.00 62.27 ? 113 HOH A O     1 
HETATM 398 O O     . HOH C 3 .  ? 0.054   0.379   3.020   1.00 66.07 ? 117 HOH A O     1 
HETATM 399 O O     . HOH C 3 .  ? -4.396  2.378   7.635   1.00 51.48 ? 118 HOH A O     1 
HETATM 400 O O     . HOH C 3 .  ? -9.772  -6.373  4.412   1.00 64.58 ? 120 HOH A O     1 
HETATM 401 O O     . HOH C 3 .  ? 2.405   2.794   2.607   1.00 51.08 ? 121 HOH A O     1 
HETATM 402 O O     . HOH D 3 .  ? 3.171   11.028  -6.648  1.00 40.28 ? 101 HOH B O     1 
HETATM 403 O O     . HOH D 3 .  ? 10.939  -5.289  11.026  1.00 56.39 ? 102 HOH B O     1 
HETATM 404 O O     . HOH D 3 .  ? 8.684   -3.447  -7.463  1.00 49.51 ? 104 HOH B O     1 
HETATM 405 O O     . HOH D 3 .  ? 5.796   -2.400  -8.990  1.00 65.49 ? 105 HOH B O     1 
HETATM 406 O O     . HOH D 3 .  ? 3.327   0.661   -12.282 1.00 54.21 ? 107 HOH B O     1 
HETATM 407 O O     . HOH D 3 .  ? 1.505   -3.505  1.111   1.00 45.39 ? 108 HOH B O     1 
HETATM 408 O O     . HOH D 3 .  ? -3.520  -6.719  9.380   1.00 56.59 ? 109 HOH B O     1 
HETATM 409 O O     . HOH D 3 .  ? 5.633   10.248  -5.138  1.00 63.65 ? 110 HOH B O     1 
HETATM 410 O O     . HOH D 3 .  ? 3.356   -2.207  -1.056  1.00 32.29 ? 111 HOH B O     1 
HETATM 411 O O     . HOH D 3 .  ? 11.684  -4.436  7.886   1.00 45.10 ? 112 HOH B O     1 
HETATM 412 O O     . HOH D 3 .  ? -3.788  -3.541  -6.186  1.00 51.48 ? 114 HOH B O     1 
HETATM 413 O O     . HOH D 3 .  ? 2.581   8.029   -5.737  1.00 60.15 ? 115 HOH B O     1 
HETATM 414 O O     . HOH D 3 .  ? 3.800   -4.815  0.874   1.00 36.46 ? 116 HOH B O     1 
HETATM 415 O O     . HOH D 3 .  ? 1.309   12.434  -9.324  1.00 45.47 ? 119 HOH B O     1 
HETATM 416 O O     . HOH D 3 .  ? 2.787   3.856   -5.177  1.00 54.11 ? 122 HOH B O     1 
HETATM 417 O O     . HOH D 3 .  ? 3.494   -5.009  -10.513 1.00 54.33 ? 123 HOH B O     1 
# 
